data_1URD
#
_entry.id   1URD
#
_cell.length_a   49.230
_cell.length_b   70.783
_cell.length_c   104.671
_cell.angle_alpha   90.00
_cell.angle_beta   96.58
_cell.angle_gamma   90.00
#
_symmetry.space_group_name_H-M   'P 1 21 1'
#
loop_
_entity.id
_entity.type
_entity.pdbx_description
1 polymer 'MALTOSE-BINDING PROTEIN'
2 branched alpha-D-glucopyranose-(1-4)-alpha-D-glucopyranose-(1-4)-alpha-D-glucopyranose
3 water water
#
_entity_poly.entity_id   1
_entity_poly.type   'polypeptide(L)'
_entity_poly.pdbx_seq_one_letter_code
;QTITVWSWQTGPELQDVKQIAAQWAKAHGDKVIVVDQSSNPKGFQFYATAARTGKGPDVVFGMPHDNNGVFAEEGLMAPV
PSGVLNTGLYAPNTIDAIKVNGTMYSVPVSVQVAAIYYNKKLVPQPPQTWAEFVKDANAHGFMYDQANLYFDYAIIGGYG
GYVFKDNNGTLDPNNIGLDTPGAVQAYTLMRDMVSKYHWMTPSTNGSIAKAEFLAGKIGMYVSGPWDTADIEKAKIDFGV
TPWPTLPNGKHATPFLGVITAFVNKESKTQAADWSLVQALTSAQAQQMYFRDSQQIPALLSVQRSSAVQSSPTFKAFVEQ
LRYAVPMPNIPQMQAVWQAMSILQNIIAGKVSPEQGAKDFVQNIQKGIMA
;
_entity_poly.pdbx_strand_id   A,B
#
loop_
_chem_comp.id
_chem_comp.type
_chem_comp.name
_chem_comp.formula
GLC D-saccharide, alpha linking alpha-D-glucopyranose 'C6 H12 O6'
#
# COMPACT_ATOMS: atom_id res chain seq x y z
N GLN A 1 19.71 -5.60 -20.81
CA GLN A 1 19.67 -4.40 -21.71
C GLN A 1 19.01 -3.21 -21.00
N THR A 2 18.16 -3.49 -20.02
CA THR A 2 17.48 -2.44 -19.28
C THR A 2 18.04 -2.27 -17.87
N ILE A 3 18.19 -1.02 -17.45
CA ILE A 3 18.66 -0.70 -16.11
C ILE A 3 17.38 -0.41 -15.32
N THR A 4 17.22 -1.12 -14.20
CA THR A 4 16.03 -0.94 -13.38
C THR A 4 16.30 -0.10 -12.15
N VAL A 5 15.48 0.93 -11.97
CA VAL A 5 15.59 1.82 -10.83
C VAL A 5 14.34 1.63 -9.98
N TRP A 6 14.54 1.46 -8.68
CA TRP A 6 13.42 1.36 -7.75
C TRP A 6 13.39 2.68 -7.00
N SER A 7 12.26 3.37 -7.07
CA SER A 7 12.10 4.65 -6.40
C SER A 7 11.13 4.57 -5.25
N TRP A 8 11.51 5.13 -4.12
CA TRP A 8 10.62 5.16 -2.96
C TRP A 8 10.00 6.53 -2.83
N GLN A 9 10.26 7.39 -3.82
CA GLN A 9 9.67 8.72 -3.85
C GLN A 9 8.62 8.61 -4.95
N THR A 10 7.45 9.17 -4.71
CA THR A 10 6.37 9.09 -5.69
C THR A 10 5.89 10.49 -6.09
N GLY A 11 4.74 10.55 -6.76
CA GLY A 11 4.18 11.83 -7.16
C GLY A 11 5.03 12.59 -8.17
N PRO A 12 5.04 13.93 -8.10
CA PRO A 12 5.81 14.77 -9.02
C PRO A 12 7.31 14.48 -9.03
N GLU A 13 7.86 14.09 -7.88
CA GLU A 13 9.29 13.79 -7.85
C GLU A 13 9.56 12.56 -8.69
N LEU A 14 8.64 11.59 -8.66
CA LEU A 14 8.80 10.38 -9.46
C LEU A 14 8.73 10.73 -10.94
N GLN A 15 7.85 11.66 -11.29
CA GLN A 15 7.73 12.06 -12.68
C GLN A 15 9.04 12.70 -13.13
N ASP A 16 9.66 13.49 -12.26
CA ASP A 16 10.92 14.13 -12.59
C ASP A 16 12.03 13.10 -12.75
N VAL A 17 12.03 12.08 -11.89
CA VAL A 17 13.03 11.04 -11.96
C VAL A 17 12.89 10.32 -13.31
N LYS A 18 11.65 10.05 -13.71
CA LYS A 18 11.41 9.36 -14.98
C LYS A 18 11.87 10.22 -16.14
N GLN A 19 11.68 11.52 -16.04
CA GLN A 19 12.09 12.45 -17.10
C GLN A 19 13.60 12.46 -17.25
N ILE A 20 14.31 12.59 -16.13
CA ILE A 20 15.76 12.61 -16.13
C ILE A 20 16.31 11.28 -16.63
N ALA A 21 15.68 10.19 -16.21
CA ALA A 21 16.10 8.85 -16.63
C ALA A 21 15.94 8.70 -18.14
N ALA A 22 14.85 9.21 -18.69
CA ALA A 22 14.61 9.14 -20.12
C ALA A 22 15.66 9.94 -20.89
N GLN A 23 16.04 11.09 -20.35
CA GLN A 23 17.05 11.92 -21.00
C GLN A 23 18.40 11.20 -20.97
N TRP A 24 18.68 10.53 -19.84
CA TRP A 24 19.93 9.80 -19.69
C TRP A 24 19.96 8.63 -20.68
N ALA A 25 18.85 7.92 -20.80
CA ALA A 25 18.77 6.78 -21.72
C ALA A 25 18.92 7.23 -23.17
N LYS A 26 18.46 8.44 -23.46
CA LYS A 26 18.55 8.99 -24.81
C LYS A 26 19.99 9.17 -25.24
N ALA A 27 20.85 9.53 -24.30
CA ALA A 27 22.25 9.74 -24.60
C ALA A 27 23.10 8.48 -24.50
N HIS A 28 22.77 7.61 -23.54
CA HIS A 28 23.53 6.40 -23.32
C HIS A 28 23.09 5.16 -24.07
N GLY A 29 21.83 5.14 -24.50
CA GLY A 29 21.33 3.99 -25.23
C GLY A 29 20.73 2.94 -24.33
N ASP A 30 21.28 2.80 -23.13
CA ASP A 30 20.78 1.84 -22.17
C ASP A 30 19.33 2.19 -21.85
N LYS A 31 18.45 1.19 -21.84
CA LYS A 31 17.06 1.42 -21.52
C LYS A 31 16.93 1.55 -20.01
N VAL A 32 16.00 2.37 -19.54
CA VAL A 32 15.80 2.56 -18.12
C VAL A 32 14.33 2.52 -17.74
N ILE A 33 14.02 1.75 -16.70
CA ILE A 33 12.66 1.62 -16.21
C ILE A 33 12.66 2.02 -14.74
N VAL A 34 11.78 2.94 -14.37
CA VAL A 34 11.67 3.41 -12.99
C VAL A 34 10.42 2.81 -12.37
N VAL A 35 10.60 2.04 -11.31
CA VAL A 35 9.52 1.37 -10.60
C VAL A 35 9.19 2.10 -9.30
N ASP A 36 7.90 2.33 -9.04
CA ASP A 36 7.46 3.02 -7.83
C ASP A 36 7.25 2.01 -6.72
N GLN A 37 8.09 2.07 -5.69
CA GLN A 37 7.97 1.14 -4.56
C GLN A 37 7.43 1.82 -3.31
N SER A 38 7.03 3.08 -3.45
CA SER A 38 6.53 3.85 -2.31
C SER A 38 5.39 3.22 -1.53
N SER A 39 4.54 2.46 -2.22
CA SER A 39 3.41 1.80 -1.57
C SER A 39 3.60 0.31 -1.36
N ASN A 40 4.81 -0.18 -1.60
CA ASN A 40 5.10 -1.60 -1.42
C ASN A 40 4.85 -1.95 0.04
N PRO A 41 4.10 -3.05 0.28
CA PRO A 41 3.77 -3.49 1.64
C PRO A 41 4.96 -3.82 2.54
N LYS A 42 6.08 -4.23 1.95
CA LYS A 42 7.26 -4.57 2.75
C LYS A 42 8.11 -3.36 3.10
N GLY A 43 7.65 -2.19 2.70
CA GLY A 43 8.35 -0.94 3.01
C GLY A 43 9.74 -0.73 2.44
N PHE A 44 10.49 0.14 3.10
CA PHE A 44 11.84 0.48 2.68
C PHE A 44 12.76 -0.74 2.69
N GLN A 45 12.60 -1.59 3.70
CA GLN A 45 13.45 -2.77 3.78
C GLN A 45 13.17 -3.81 2.70
N PHE A 46 12.21 -3.51 1.82
CA PHE A 46 11.91 -4.45 0.75
C PHE A 46 13.15 -4.61 -0.13
N TYR A 47 14.01 -3.60 -0.15
CA TYR A 47 15.22 -3.71 -0.95
C TYR A 47 16.04 -4.90 -0.47
N ALA A 48 16.15 -5.06 0.85
CA ALA A 48 16.91 -6.16 1.42
C ALA A 48 16.23 -7.49 1.10
N THR A 49 14.91 -7.51 1.23
CA THR A 49 14.14 -8.72 0.94
C THR A 49 14.44 -9.21 -0.48
N ALA A 50 14.41 -8.27 -1.42
CA ALA A 50 14.64 -8.61 -2.82
C ALA A 50 16.11 -8.93 -3.10
N ALA A 51 17.01 -8.05 -2.66
CA ALA A 51 18.43 -8.24 -2.89
C ALA A 51 19.02 -9.50 -2.25
N ARG A 52 18.42 -9.95 -1.15
CA ARG A 52 18.90 -11.16 -0.47
C ARG A 52 18.74 -12.40 -1.34
N THR A 53 17.79 -12.35 -2.28
CA THR A 53 17.54 -13.47 -3.16
C THR A 53 18.03 -13.17 -4.58
N GLY A 54 18.85 -12.14 -4.72
CA GLY A 54 19.37 -11.77 -6.01
C GLY A 54 18.32 -11.24 -6.97
N LYS A 55 17.26 -10.65 -6.43
CA LYS A 55 16.19 -10.12 -7.27
C LYS A 55 15.97 -8.63 -7.07
N GLY A 56 17.04 -7.92 -6.73
CA GLY A 56 16.92 -6.49 -6.53
C GLY A 56 17.14 -5.70 -7.81
N PRO A 57 16.91 -4.38 -7.76
CA PRO A 57 17.08 -3.46 -8.90
C PRO A 57 18.55 -3.12 -9.09
N ASP A 58 18.86 -2.39 -10.16
CA ASP A 58 20.23 -1.99 -10.42
C ASP A 58 20.55 -0.77 -9.56
N VAL A 59 19.57 0.13 -9.47
CA VAL A 59 19.72 1.37 -8.73
C VAL A 59 18.52 1.65 -7.84
N VAL A 60 18.78 2.26 -6.69
CA VAL A 60 17.72 2.63 -5.77
C VAL A 60 17.75 4.15 -5.64
N PHE A 61 16.57 4.76 -5.75
CA PHE A 61 16.44 6.20 -5.62
C PHE A 61 15.41 6.53 -4.55
N GLY A 62 15.74 7.50 -3.70
CA GLY A 62 14.81 7.93 -2.67
C GLY A 62 14.70 7.11 -1.40
N MET A 63 15.81 6.51 -0.98
CA MET A 63 15.84 5.69 0.23
C MET A 63 16.32 6.48 1.45
N PRO A 64 15.49 6.56 2.52
CA PRO A 64 15.92 7.28 3.72
C PRO A 64 17.19 6.60 4.23
N HIS A 65 18.19 7.40 4.59
CA HIS A 65 19.50 6.87 4.99
C HIS A 65 19.58 5.87 6.13
N ASP A 66 18.64 5.89 7.07
CA ASP A 66 18.74 4.96 8.19
C ASP A 66 18.70 3.50 7.73
N ASN A 67 18.01 3.23 6.64
CA ASN A 67 17.87 1.87 6.13
C ASN A 67 19.14 1.26 5.55
N ASN A 68 20.06 2.12 5.13
CA ASN A 68 21.27 1.63 4.49
C ASN A 68 22.25 0.87 5.35
N GLY A 69 22.14 0.99 6.67
CA GLY A 69 23.04 0.26 7.55
C GLY A 69 22.84 -1.23 7.36
N VAL A 70 21.58 -1.63 7.21
CA VAL A 70 21.23 -3.04 7.02
C VAL A 70 21.78 -3.51 5.67
N PHE A 71 21.47 -2.76 4.62
CA PHE A 71 21.89 -3.11 3.28
C PHE A 71 23.41 -3.23 3.16
N ALA A 72 24.13 -2.27 3.73
CA ALA A 72 25.59 -2.29 3.67
C ALA A 72 26.19 -3.44 4.47
N GLU A 73 25.64 -3.71 5.65
CA GLU A 73 26.16 -4.79 6.49
C GLU A 73 26.03 -6.13 5.78
N GLU A 74 24.97 -6.27 4.98
CA GLU A 74 24.73 -7.51 4.26
C GLU A 74 25.44 -7.56 2.90
N GLY A 75 26.21 -6.52 2.59
CA GLY A 75 26.95 -6.46 1.35
C GLY A 75 26.10 -6.28 0.11
N LEU A 76 24.97 -5.62 0.25
CA LEU A 76 24.05 -5.41 -0.87
C LEU A 76 24.26 -4.09 -1.59
N MET A 77 25.20 -3.28 -1.12
CA MET A 77 25.46 -1.97 -1.72
C MET A 77 26.88 -1.84 -2.26
N ALA A 78 27.01 -1.27 -3.46
CA ALA A 78 28.33 -1.06 -4.03
C ALA A 78 28.89 0.20 -3.37
N PRO A 79 30.12 0.12 -2.86
CA PRO A 79 30.68 1.32 -2.24
C PRO A 79 30.74 2.44 -3.27
N VAL A 80 30.53 3.69 -2.85
CA VAL A 80 30.59 4.81 -3.77
C VAL A 80 32.04 4.93 -4.26
N PRO A 81 32.25 4.98 -5.58
CA PRO A 81 33.61 5.09 -6.11
C PRO A 81 34.30 6.37 -5.67
N SER A 82 35.62 6.32 -5.54
CA SER A 82 36.38 7.49 -5.13
C SER A 82 36.09 8.67 -6.05
N GLY A 83 36.02 9.87 -5.48
CA GLY A 83 35.78 11.06 -6.26
C GLY A 83 34.34 11.40 -6.61
N VAL A 84 33.44 10.43 -6.53
CA VAL A 84 32.03 10.69 -6.86
C VAL A 84 31.40 11.67 -5.88
N LEU A 85 31.79 11.60 -4.61
CA LEU A 85 31.27 12.49 -3.59
C LEU A 85 32.31 13.48 -3.10
N ASN A 86 31.97 14.76 -3.14
CA ASN A 86 32.84 15.80 -2.65
C ASN A 86 32.19 16.19 -1.32
N THR A 87 32.75 15.69 -0.21
CA THR A 87 32.17 15.97 1.09
C THR A 87 31.99 17.45 1.40
N GLY A 88 32.81 18.30 0.81
CA GLY A 88 32.70 19.73 1.05
C GLY A 88 31.48 20.40 0.45
N LEU A 89 30.72 19.65 -0.35
CA LEU A 89 29.53 20.21 -0.99
C LEU A 89 28.27 19.95 -0.18
N TYR A 90 28.42 19.32 0.98
CA TYR A 90 27.28 19.02 1.85
C TYR A 90 27.59 19.41 3.27
N ALA A 91 26.54 19.48 4.08
CA ALA A 91 26.72 19.77 5.50
C ALA A 91 27.35 18.50 6.06
N PRO A 92 28.19 18.63 7.10
CA PRO A 92 28.85 17.49 7.72
C PRO A 92 27.94 16.31 8.04
N ASN A 93 26.81 16.58 8.70
CA ASN A 93 25.87 15.53 9.08
C ASN A 93 25.28 14.78 7.88
N THR A 94 25.17 15.48 6.75
CA THR A 94 24.62 14.88 5.54
C THR A 94 25.54 13.77 5.04
N ILE A 95 26.85 14.03 4.98
CA ILE A 95 27.79 13.01 4.53
C ILE A 95 27.94 11.90 5.56
N ASP A 96 27.92 12.25 6.83
CA ASP A 96 28.06 11.22 7.85
C ASP A 96 26.89 10.24 7.75
N ALA A 97 25.72 10.76 7.36
CA ALA A 97 24.52 9.94 7.25
C ALA A 97 24.63 8.86 6.18
N ILE A 98 25.47 9.06 5.18
CA ILE A 98 25.59 8.08 4.12
C ILE A 98 26.80 7.14 4.29
N LYS A 99 27.50 7.28 5.42
CA LYS A 99 28.63 6.41 5.68
C LYS A 99 28.22 5.28 6.62
N VAL A 100 28.69 4.07 6.33
CA VAL A 100 28.42 2.91 7.18
C VAL A 100 29.80 2.34 7.48
N ASN A 101 30.14 2.26 8.75
CA ASN A 101 31.44 1.76 9.17
C ASN A 101 32.58 2.55 8.51
N GLY A 102 32.37 3.85 8.34
CA GLY A 102 33.39 4.70 7.74
C GLY A 102 33.46 4.71 6.22
N THR A 103 32.61 3.92 5.57
CA THR A 103 32.62 3.85 4.11
C THR A 103 31.37 4.49 3.52
N MET A 104 31.55 5.29 2.47
CA MET A 104 30.41 5.93 1.82
C MET A 104 29.70 4.91 0.94
N TYR A 105 28.42 4.71 1.21
CA TYR A 105 27.64 3.73 0.46
C TYR A 105 26.50 4.28 -0.37
N SER A 106 26.19 5.57 -0.22
CA SER A 106 25.13 6.17 -1.01
C SER A 106 25.36 7.65 -1.24
N VAL A 107 24.61 8.21 -2.17
CA VAL A 107 24.71 9.62 -2.53
C VAL A 107 23.52 10.40 -1.97
N PRO A 108 23.78 11.51 -1.25
CA PRO A 108 22.69 12.33 -0.67
C PRO A 108 21.95 13.05 -1.79
N VAL A 109 20.62 13.05 -1.73
CA VAL A 109 19.84 13.74 -2.76
C VAL A 109 19.02 14.86 -2.12
N SER A 110 18.42 14.56 -0.97
CA SER A 110 17.59 15.54 -0.28
C SER A 110 17.76 15.41 1.23
N VAL A 111 17.47 16.48 1.96
CA VAL A 111 17.53 16.46 3.41
C VAL A 111 16.13 16.81 3.88
N GLN A 112 15.69 16.17 4.97
CA GLN A 112 14.34 16.37 5.49
C GLN A 112 14.29 16.50 6.99
N VAL A 113 13.42 17.40 7.45
CA VAL A 113 13.17 17.59 8.88
C VAL A 113 11.67 17.84 8.99
N ALA A 114 10.96 16.96 9.69
CA ALA A 114 9.52 17.10 9.85
C ALA A 114 9.16 18.44 10.47
N ALA A 115 8.05 19.00 10.03
CA ALA A 115 7.63 20.30 10.53
C ALA A 115 6.11 20.35 10.61
N ILE A 116 5.61 21.45 11.15
CA ILE A 116 4.17 21.64 11.26
C ILE A 116 3.65 22.30 10.01
N TYR A 117 2.68 21.66 9.37
CA TYR A 117 2.07 22.24 8.18
C TYR A 117 0.77 22.83 8.71
N TYR A 118 0.52 24.10 8.39
CA TYR A 118 -0.69 24.73 8.89
C TYR A 118 -1.53 25.37 7.80
N ASN A 119 -2.83 25.48 8.08
CA ASN A 119 -3.79 26.06 7.15
C ASN A 119 -3.96 27.53 7.51
N LYS A 120 -3.43 28.41 6.65
CA LYS A 120 -3.48 29.85 6.89
C LYS A 120 -4.89 30.43 7.00
N LYS A 121 -5.88 29.71 6.48
CA LYS A 121 -7.27 30.16 6.55
C LYS A 121 -7.75 30.03 7.98
N LEU A 122 -7.21 29.04 8.69
CA LEU A 122 -7.57 28.79 10.08
C LEU A 122 -6.56 29.38 11.04
N VAL A 123 -5.27 29.27 10.69
CA VAL A 123 -4.19 29.78 11.51
C VAL A 123 -3.30 30.71 10.68
N PRO A 124 -3.66 32.00 10.60
CA PRO A 124 -2.91 33.02 9.84
C PRO A 124 -1.41 33.03 10.12
N GLN A 125 -1.06 33.20 11.39
CA GLN A 125 0.33 33.22 11.83
C GLN A 125 0.54 32.00 12.70
N PRO A 126 1.60 31.21 12.41
CA PRO A 126 1.87 29.99 13.19
C PRO A 126 2.36 30.20 14.62
N PRO A 127 2.04 29.24 15.51
CA PRO A 127 2.45 29.31 16.91
C PRO A 127 3.92 28.93 17.03
N GLN A 128 4.62 29.53 17.98
CA GLN A 128 6.03 29.25 18.18
C GLN A 128 6.30 28.67 19.56
N THR A 129 5.49 29.04 20.55
CA THR A 129 5.65 28.54 21.90
C THR A 129 4.55 27.53 22.19
N TRP A 130 4.73 26.74 23.23
CA TRP A 130 3.72 25.75 23.57
C TRP A 130 2.39 26.42 23.88
N ALA A 131 2.44 27.52 24.62
CA ALA A 131 1.24 28.26 24.98
C ALA A 131 0.47 28.65 23.72
N GLU A 132 1.17 29.22 22.75
CA GLU A 132 0.54 29.63 21.49
C GLU A 132 0.02 28.40 20.75
N PHE A 133 0.79 27.32 20.80
CA PHE A 133 0.41 26.07 20.14
C PHE A 133 -0.89 25.51 20.71
N VAL A 134 -1.01 25.52 22.04
CA VAL A 134 -2.22 25.02 22.69
C VAL A 134 -3.43 25.83 22.23
N LYS A 135 -3.25 27.14 22.14
CA LYS A 135 -4.34 28.02 21.74
C LYS A 135 -4.81 27.70 20.32
N ASP A 136 -3.86 27.53 19.39
CA ASP A 136 -4.22 27.22 18.02
C ASP A 136 -4.75 25.80 17.85
N ALA A 137 -4.19 24.86 18.60
CA ALA A 137 -4.62 23.47 18.52
C ALA A 137 -6.04 23.34 19.06
N ASN A 138 -6.34 24.08 20.13
CA ASN A 138 -7.67 24.05 20.73
C ASN A 138 -8.69 24.65 19.78
N ALA A 139 -8.33 25.80 19.21
CA ALA A 139 -9.21 26.54 18.31
C ALA A 139 -9.51 25.88 16.97
N HIS A 140 -8.50 25.27 16.35
CA HIS A 140 -8.73 24.66 15.04
C HIS A 140 -8.27 23.23 14.83
N GLY A 141 -7.78 22.60 15.89
CA GLY A 141 -7.36 21.21 15.79
C GLY A 141 -5.90 20.91 15.49
N PHE A 142 -5.47 19.74 15.95
CA PHE A 142 -4.10 19.27 15.73
C PHE A 142 -4.06 17.76 15.80
N MET A 143 -3.49 17.14 14.78
CA MET A 143 -3.35 15.69 14.74
C MET A 143 -2.08 15.36 13.99
N TYR A 144 -1.53 14.18 14.27
CA TYR A 144 -0.35 13.72 13.57
C TYR A 144 -0.14 12.23 13.84
N ASP A 145 0.88 11.66 13.22
CA ASP A 145 1.21 10.23 13.37
C ASP A 145 1.86 10.09 14.75
N GLN A 146 1.03 10.31 15.77
CA GLN A 146 1.45 10.30 17.17
C GLN A 146 2.20 9.11 17.73
N ALA A 147 1.93 7.91 17.22
CA ALA A 147 2.58 6.70 17.72
C ALA A 147 3.77 6.27 16.86
N ASN A 148 4.13 7.09 15.88
CA ASN A 148 5.26 6.81 15.00
C ASN A 148 6.50 7.50 15.58
N LEU A 149 7.47 6.71 16.03
CA LEU A 149 8.67 7.28 16.62
C LEU A 149 9.36 8.30 15.72
N TYR A 150 9.28 8.12 14.40
CA TYR A 150 9.93 9.07 13.51
C TYR A 150 9.45 10.50 13.78
N PHE A 151 8.16 10.66 14.06
CA PHE A 151 7.62 11.98 14.34
C PHE A 151 7.62 12.37 15.81
N ASP A 152 7.18 11.46 16.69
CA ASP A 152 7.12 11.83 18.10
C ASP A 152 8.47 11.89 18.79
N TYR A 153 9.53 11.52 18.08
CA TYR A 153 10.86 11.61 18.67
C TYR A 153 11.15 13.09 18.95
N ALA A 154 10.51 13.97 18.19
CA ALA A 154 10.71 15.41 18.38
C ALA A 154 10.46 15.79 19.83
N ILE A 155 9.46 15.14 20.43
CA ILE A 155 9.13 15.41 21.82
C ILE A 155 10.12 14.72 22.75
N ILE A 156 10.44 13.46 22.45
CA ILE A 156 11.39 12.68 23.25
C ILE A 156 12.72 13.42 23.38
N GLY A 157 13.30 13.80 22.25
CA GLY A 157 14.57 14.51 22.28
C GLY A 157 14.45 15.87 22.94
N GLY A 158 13.26 16.45 22.86
CA GLY A 158 13.03 17.76 23.45
C GLY A 158 13.14 17.68 24.96
N TYR A 159 12.87 16.50 25.50
CA TYR A 159 12.95 16.30 26.94
C TYR A 159 14.26 15.62 27.35
N GLY A 160 15.22 15.59 26.43
CA GLY A 160 16.52 15.00 26.76
C GLY A 160 16.72 13.56 26.38
N GLY A 161 15.68 12.91 25.89
CA GLY A 161 15.83 11.53 25.48
C GLY A 161 16.66 11.43 24.21
N TYR A 162 17.07 10.21 23.87
CA TYR A 162 17.85 9.96 22.67
C TYR A 162 17.74 8.48 22.32
N VAL A 163 18.07 8.14 21.08
CA VAL A 163 17.98 6.74 20.67
C VAL A 163 19.25 6.03 21.13
N PHE A 164 20.36 6.31 20.45
CA PHE A 164 21.66 5.74 20.81
C PHE A 164 22.60 6.91 21.12
N LYS A 165 23.34 6.79 22.21
CA LYS A 165 24.27 7.84 22.61
C LYS A 165 25.31 8.12 21.52
N ASP A 166 25.47 9.39 21.18
CA ASP A 166 26.44 9.78 20.16
C ASP A 166 27.67 10.39 20.82
N ASN A 167 28.80 9.70 20.69
CA ASN A 167 30.05 10.18 21.26
C ASN A 167 31.14 10.19 20.20
N ASN A 168 31.81 11.33 20.05
CA ASN A 168 32.88 11.45 19.07
C ASN A 168 32.40 11.02 17.68
N GLY A 169 31.14 11.33 17.37
CA GLY A 169 30.60 10.97 16.07
C GLY A 169 30.22 9.51 15.93
N THR A 170 30.54 8.71 16.94
CA THR A 170 30.22 7.28 16.91
C THR A 170 29.06 6.98 17.87
N LEU A 171 28.13 6.13 17.41
CA LEU A 171 26.98 5.77 18.23
C LEU A 171 27.22 4.48 19.01
N ASP A 172 26.77 4.48 20.26
CA ASP A 172 26.89 3.30 21.13
C ASP A 172 25.53 2.62 21.15
N PRO A 173 25.39 1.51 20.40
CA PRO A 173 24.12 0.78 20.35
C PRO A 173 23.56 0.30 21.69
N ASN A 174 24.43 0.17 22.69
CA ASN A 174 23.96 -0.29 24.00
C ASN A 174 23.48 0.84 24.90
N ASN A 175 23.94 2.07 24.63
CA ASN A 175 23.54 3.22 25.43
C ASN A 175 22.29 3.84 24.81
N ILE A 176 21.13 3.35 25.26
CA ILE A 176 19.85 3.82 24.75
C ILE A 176 19.25 4.84 25.70
N GLY A 177 18.64 5.89 25.14
CA GLY A 177 18.06 6.92 25.99
C GLY A 177 16.56 7.08 25.84
N LEU A 178 15.89 5.98 25.52
CA LEU A 178 14.44 6.02 25.32
C LEU A 178 13.65 5.65 26.57
N ASP A 179 14.36 5.44 27.68
CA ASP A 179 13.73 5.11 28.96
C ASP A 179 14.26 5.98 30.09
N THR A 180 14.93 7.07 29.75
CA THR A 180 15.46 7.99 30.75
C THR A 180 14.28 8.75 31.37
N PRO A 181 14.51 9.42 32.51
CA PRO A 181 13.42 10.17 33.13
C PRO A 181 12.84 11.19 32.15
N GLY A 182 13.71 11.78 31.33
CA GLY A 182 13.27 12.74 30.35
C GLY A 182 12.35 12.11 29.31
N ALA A 183 12.72 10.93 28.84
CA ALA A 183 11.92 10.22 27.85
C ALA A 183 10.54 9.93 28.44
N VAL A 184 10.50 9.56 29.71
CA VAL A 184 9.22 9.26 30.35
C VAL A 184 8.34 10.50 30.38
N GLN A 185 8.96 11.66 30.59
CA GLN A 185 8.23 12.92 30.61
C GLN A 185 7.60 13.13 29.25
N ALA A 186 8.37 12.79 28.20
CA ALA A 186 7.89 12.94 26.84
C ALA A 186 6.71 12.01 26.57
N TYR A 187 6.81 10.75 26.98
CA TYR A 187 5.72 9.81 26.77
C TYR A 187 4.48 10.26 27.51
N THR A 188 4.68 10.90 28.66
CA THR A 188 3.56 11.39 29.45
C THR A 188 2.84 12.48 28.68
N LEU A 189 3.60 13.33 27.99
CA LEU A 189 3.02 14.41 27.20
C LEU A 189 2.28 13.82 26.00
N MET A 190 2.83 12.76 25.41
CA MET A 190 2.17 12.12 24.28
C MET A 190 0.80 11.63 24.73
N ARG A 191 0.75 10.97 25.88
CA ARG A 191 -0.51 10.48 26.41
C ARG A 191 -1.44 11.65 26.70
N ASP A 192 -0.88 12.74 27.25
CA ASP A 192 -1.66 13.92 27.58
C ASP A 192 -2.35 14.55 26.38
N MET A 193 -1.74 14.47 25.21
CA MET A 193 -2.38 15.06 24.03
C MET A 193 -3.69 14.38 23.73
N VAL A 194 -3.88 13.20 24.32
CA VAL A 194 -5.13 12.45 24.15
C VAL A 194 -5.99 12.64 25.41
N SER A 195 -5.47 12.24 26.56
CA SER A 195 -6.21 12.32 27.81
C SER A 195 -6.43 13.68 28.47
N LYS A 196 -5.53 14.64 28.23
CA LYS A 196 -5.66 15.95 28.82
C LYS A 196 -6.10 17.05 27.86
N TYR A 197 -5.46 17.11 26.70
CA TYR A 197 -5.78 18.13 25.71
C TYR A 197 -6.90 17.74 24.78
N HIS A 198 -7.13 16.43 24.64
CA HIS A 198 -8.19 15.90 23.80
C HIS A 198 -8.04 16.28 22.32
N TRP A 199 -6.81 16.55 21.88
CA TRP A 199 -6.60 16.89 20.48
C TRP A 199 -6.74 15.66 19.59
N MET A 200 -6.39 14.51 20.13
CA MET A 200 -6.47 13.25 19.40
C MET A 200 -7.05 12.13 20.27
N THR A 201 -7.40 11.03 19.63
CA THR A 201 -7.92 9.87 20.33
C THR A 201 -6.86 8.80 20.10
N PRO A 202 -6.93 7.68 20.81
CA PRO A 202 -5.93 6.63 20.62
C PRO A 202 -5.83 6.12 19.19
N SER A 203 -6.92 6.25 18.42
CA SER A 203 -6.92 5.77 17.04
C SER A 203 -6.31 6.76 16.04
N THR A 204 -6.11 8.00 16.44
CA THR A 204 -5.55 9.00 15.55
C THR A 204 -4.15 8.59 15.10
N ASN A 205 -3.92 8.62 13.79
CA ASN A 205 -2.63 8.28 13.20
C ASN A 205 -2.33 9.22 12.03
N GLY A 206 -1.21 8.98 11.36
CA GLY A 206 -0.81 9.81 10.24
C GLY A 206 -1.82 9.90 9.12
N SER A 207 -2.40 8.75 8.76
CA SER A 207 -3.38 8.69 7.68
C SER A 207 -4.60 9.56 7.99
N ILE A 208 -5.14 9.43 9.20
CA ILE A 208 -6.30 10.20 9.59
C ILE A 208 -5.98 11.69 9.66
N ALA A 209 -4.83 12.04 10.25
CA ALA A 209 -4.44 13.44 10.35
C ALA A 209 -4.31 14.10 8.98
N LYS A 210 -3.70 13.40 8.04
CA LYS A 210 -3.53 13.96 6.69
C LYS A 210 -4.90 14.20 6.06
N ALA A 211 -5.78 13.20 6.16
CA ALA A 211 -7.13 13.33 5.59
C ALA A 211 -7.87 14.52 6.18
N GLU A 212 -7.77 14.70 7.50
CA GLU A 212 -8.43 15.82 8.16
C GLU A 212 -7.86 17.15 7.71
N PHE A 213 -6.55 17.20 7.50
CA PHE A 213 -5.91 18.44 7.08
C PHE A 213 -6.30 18.80 5.64
N LEU A 214 -6.32 17.81 4.76
CA LEU A 214 -6.68 18.06 3.37
C LEU A 214 -8.14 18.47 3.23
N ALA A 215 -8.94 18.14 4.23
CA ALA A 215 -10.37 18.48 4.22
C ALA A 215 -10.63 19.82 4.90
N GLY A 216 -9.57 20.46 5.37
CA GLY A 216 -9.69 21.74 6.03
C GLY A 216 -10.35 21.66 7.40
N LYS A 217 -10.27 20.49 8.02
CA LYS A 217 -10.89 20.29 9.33
C LYS A 217 -9.96 20.56 10.52
N ILE A 218 -8.65 20.46 10.30
CA ILE A 218 -7.69 20.75 11.36
C ILE A 218 -6.71 21.78 10.83
N GLY A 219 -6.30 22.70 11.70
CA GLY A 219 -5.39 23.74 11.27
C GLY A 219 -3.92 23.37 11.24
N MET A 220 -3.54 22.27 11.90
CA MET A 220 -2.14 21.85 11.95
C MET A 220 -1.94 20.34 12.01
N TYR A 221 -0.84 19.89 11.42
CA TYR A 221 -0.46 18.48 11.47
C TYR A 221 1.02 18.41 11.15
N VAL A 222 1.68 17.34 11.58
CA VAL A 222 3.11 17.20 11.35
C VAL A 222 3.36 16.41 10.08
N SER A 223 4.18 16.97 9.19
CA SER A 223 4.47 16.27 7.95
C SER A 223 5.77 16.74 7.31
N GLY A 224 5.88 16.48 6.02
CA GLY A 224 7.07 16.85 5.27
C GLY A 224 6.74 17.07 3.81
N PRO A 225 7.75 17.38 2.98
CA PRO A 225 7.56 17.62 1.55
C PRO A 225 6.87 16.52 0.75
N TRP A 226 6.81 15.31 1.31
CA TRP A 226 6.17 14.19 0.64
C TRP A 226 4.67 14.42 0.50
N ASP A 227 4.14 15.41 1.23
CA ASP A 227 2.72 15.74 1.19
C ASP A 227 2.43 17.03 0.42
N THR A 228 3.48 17.70 -0.04
CA THR A 228 3.31 18.95 -0.78
C THR A 228 2.30 18.84 -1.91
N ALA A 229 2.46 17.82 -2.75
CA ALA A 229 1.57 17.60 -3.90
C ALA A 229 0.11 17.49 -3.50
N ASP A 230 -0.18 16.65 -2.52
CA ASP A 230 -1.55 16.44 -2.07
C ASP A 230 -2.15 17.68 -1.41
N ILE A 231 -1.34 18.43 -0.67
CA ILE A 231 -1.82 19.64 -0.02
C ILE A 231 -2.23 20.70 -1.04
N GLU A 232 -1.41 20.87 -2.07
CA GLU A 232 -1.70 21.86 -3.10
C GLU A 232 -2.88 21.43 -3.95
N LYS A 233 -3.07 20.12 -4.10
CA LYS A 233 -4.17 19.61 -4.90
C LYS A 233 -5.48 19.89 -4.16
N ALA A 234 -5.44 19.83 -2.84
CA ALA A 234 -6.61 20.08 -2.02
C ALA A 234 -6.89 21.58 -1.91
N LYS A 235 -6.06 22.38 -2.56
CA LYS A 235 -6.21 23.84 -2.55
C LYS A 235 -6.08 24.46 -1.17
N ILE A 236 -5.23 23.89 -0.32
CA ILE A 236 -5.04 24.42 1.01
C ILE A 236 -3.93 25.48 0.98
N ASP A 237 -4.26 26.68 1.43
CA ASP A 237 -3.27 27.76 1.48
C ASP A 237 -2.45 27.43 2.72
N PHE A 238 -1.48 26.55 2.53
CA PHE A 238 -0.64 26.09 3.64
C PHE A 238 0.64 26.85 3.90
N GLY A 239 1.10 26.74 5.13
CA GLY A 239 2.33 27.35 5.56
C GLY A 239 3.12 26.24 6.23
N VAL A 240 4.39 26.47 6.48
CA VAL A 240 5.23 25.48 7.13
C VAL A 240 5.95 26.20 8.27
N THR A 241 6.00 25.56 9.44
CA THR A 241 6.64 26.17 10.59
C THR A 241 7.29 25.10 11.45
N PRO A 242 8.30 25.48 12.25
CA PRO A 242 8.96 24.50 13.12
C PRO A 242 8.03 23.97 14.20
N TRP A 243 8.44 22.89 14.84
CA TRP A 243 7.70 22.35 15.97
C TRP A 243 7.73 23.50 16.97
N PRO A 244 6.68 23.65 17.79
CA PRO A 244 6.71 24.74 18.78
C PRO A 244 7.65 24.32 19.90
N THR A 245 8.01 25.24 20.79
CA THR A 245 8.85 24.84 21.92
C THR A 245 7.87 24.03 22.76
N LEU A 246 8.40 23.12 23.58
CA LEU A 246 7.58 22.25 24.40
C LEU A 246 7.20 22.85 25.74
N PRO A 247 6.39 22.13 26.54
CA PRO A 247 5.99 22.65 27.85
C PRO A 247 7.17 22.94 28.78
N ASN A 248 8.31 22.31 28.51
CA ASN A 248 9.51 22.51 29.34
C ASN A 248 10.35 23.68 28.82
N GLY A 249 9.81 24.41 27.86
CA GLY A 249 10.51 25.56 27.31
C GLY A 249 11.62 25.26 26.32
N LYS A 250 11.88 23.97 26.08
CA LYS A 250 12.94 23.59 25.15
C LYS A 250 12.40 23.34 23.76
N HIS A 251 13.29 23.41 22.77
CA HIS A 251 12.90 23.18 21.39
C HIS A 251 12.77 21.68 21.12
N ALA A 252 11.80 21.33 20.29
CA ALA A 252 11.60 19.93 19.92
C ALA A 252 12.77 19.54 19.02
N THR A 253 13.10 18.26 18.99
CA THR A 253 14.22 17.78 18.21
C THR A 253 13.84 16.73 17.17
N PRO A 254 13.21 17.16 16.06
CA PRO A 254 12.83 16.21 15.02
C PRO A 254 14.07 15.59 14.40
N PHE A 255 13.91 14.40 13.81
CA PHE A 255 15.03 13.74 13.16
C PHE A 255 15.44 14.45 11.88
N LEU A 256 16.71 14.29 11.52
CA LEU A 256 17.22 14.82 10.26
C LEU A 256 17.27 13.55 9.41
N GLY A 257 16.62 13.58 8.26
CA GLY A 257 16.65 12.43 7.38
C GLY A 257 17.32 12.80 6.07
N VAL A 258 18.13 11.90 5.54
CA VAL A 258 18.79 12.16 4.27
C VAL A 258 18.24 11.15 3.27
N ILE A 259 17.67 11.66 2.18
CA ILE A 259 17.15 10.79 1.13
C ILE A 259 18.33 10.48 0.25
N THR A 260 18.54 9.21 -0.02
CA THR A 260 19.70 8.76 -0.78
C THR A 260 19.41 7.96 -2.04
N ALA A 261 20.45 7.81 -2.86
CA ALA A 261 20.38 7.01 -4.07
C ALA A 261 21.63 6.15 -4.03
N PHE A 262 21.53 4.90 -4.48
CA PHE A 262 22.68 4.02 -4.46
C PHE A 262 22.60 2.93 -5.51
N VAL A 263 23.68 2.15 -5.60
CA VAL A 263 23.80 1.08 -6.58
C VAL A 263 23.88 -0.30 -5.95
N ASN A 264 23.14 -1.25 -6.51
CA ASN A 264 23.11 -2.63 -6.02
C ASN A 264 24.46 -3.27 -6.33
N LYS A 265 25.08 -3.89 -5.33
CA LYS A 265 26.37 -4.55 -5.52
C LYS A 265 26.30 -5.64 -6.59
N GLU A 266 25.10 -6.21 -6.76
CA GLU A 266 24.86 -7.29 -7.71
C GLU A 266 24.62 -6.82 -9.14
N SER A 267 24.42 -5.52 -9.33
CA SER A 267 24.18 -5.02 -10.67
C SER A 267 25.34 -5.31 -11.61
N LYS A 268 25.01 -5.70 -12.84
CA LYS A 268 26.03 -6.04 -13.82
C LYS A 268 26.57 -4.82 -14.59
N THR A 269 25.95 -3.66 -14.41
CA THR A 269 26.39 -2.47 -15.12
C THR A 269 26.70 -1.32 -14.15
N GLN A 270 27.67 -1.55 -13.27
CA GLN A 270 28.06 -0.59 -12.24
C GLN A 270 28.44 0.80 -12.74
N ALA A 271 29.23 0.86 -13.81
CA ALA A 271 29.66 2.16 -14.34
C ALA A 271 28.47 2.94 -14.86
N ALA A 272 27.60 2.28 -15.60
CA ALA A 272 26.42 2.93 -16.14
C ALA A 272 25.54 3.36 -14.97
N ASP A 273 25.42 2.48 -13.97
CA ASP A 273 24.59 2.76 -12.81
C ASP A 273 24.98 4.05 -12.11
N TRP A 274 26.27 4.22 -11.86
CA TRP A 274 26.71 5.42 -11.17
C TRP A 274 26.49 6.66 -12.03
N SER A 275 26.57 6.50 -13.34
CA SER A 275 26.33 7.63 -14.25
C SER A 275 24.87 8.04 -14.13
N LEU A 276 23.98 7.05 -14.09
CA LEU A 276 22.56 7.35 -13.95
C LEU A 276 22.31 8.00 -12.59
N VAL A 277 22.96 7.51 -11.54
CA VAL A 277 22.81 8.09 -10.21
C VAL A 277 23.26 9.55 -10.23
N GLN A 278 24.36 9.83 -10.93
CA GLN A 278 24.82 11.21 -11.01
C GLN A 278 23.76 12.09 -11.67
N ALA A 279 23.10 11.60 -12.71
CA ALA A 279 22.07 12.39 -13.39
C ALA A 279 20.87 12.62 -12.47
N LEU A 280 20.52 11.60 -11.71
CA LEU A 280 19.38 11.68 -10.80
C LEU A 280 19.63 12.47 -9.53
N THR A 281 20.89 12.77 -9.24
CA THR A 281 21.24 13.49 -8.01
C THR A 281 22.03 14.77 -8.20
N SER A 282 22.14 15.23 -9.45
CA SER A 282 22.89 16.44 -9.76
C SER A 282 22.22 17.68 -9.19
N ALA A 283 22.95 18.79 -9.21
CA ALA A 283 22.41 20.05 -8.72
C ALA A 283 21.15 20.38 -9.52
N GLN A 284 21.18 20.11 -10.82
CA GLN A 284 20.03 20.39 -11.67
C GLN A 284 18.83 19.52 -11.28
N ALA A 285 19.09 18.25 -10.99
CA ALA A 285 18.02 17.35 -10.59
C ALA A 285 17.40 17.86 -9.29
N GLN A 286 18.25 18.17 -8.32
CA GLN A 286 17.77 18.66 -7.03
C GLN A 286 16.97 19.95 -7.17
N GLN A 287 17.35 20.80 -8.11
CA GLN A 287 16.61 22.04 -8.35
C GLN A 287 15.20 21.66 -8.81
N MET A 288 15.10 20.65 -9.66
CA MET A 288 13.81 20.19 -10.18
C MET A 288 12.95 19.60 -9.06
N TYR A 289 13.53 18.72 -8.25
CA TYR A 289 12.78 18.09 -7.17
C TYR A 289 12.24 19.15 -6.21
N PHE A 290 13.02 20.21 -6.01
CA PHE A 290 12.57 21.27 -5.10
C PHE A 290 11.39 22.03 -5.70
N ARG A 291 11.52 22.41 -6.97
CA ARG A 291 10.48 23.16 -7.65
C ARG A 291 9.15 22.42 -7.63
N ASP A 292 9.20 21.11 -7.84
CA ASP A 292 7.99 20.31 -7.91
C ASP A 292 7.46 19.66 -6.64
N SER A 293 8.25 19.66 -5.56
CA SER A 293 7.78 19.04 -4.32
C SER A 293 8.25 19.74 -3.05
N GLN A 294 9.13 20.72 -3.21
CA GLN A 294 9.70 21.48 -2.11
C GLN A 294 10.67 20.66 -1.26
N GLN A 295 11.16 19.56 -1.82
CA GLN A 295 12.13 18.70 -1.13
C GLN A 295 13.41 19.53 -1.05
N ILE A 296 13.99 19.66 0.15
CA ILE A 296 15.19 20.45 0.32
C ILE A 296 16.42 19.74 -0.25
N PRO A 297 17.16 20.42 -1.13
CA PRO A 297 18.35 19.82 -1.74
C PRO A 297 19.41 19.46 -0.70
N ALA A 298 20.13 18.37 -0.95
CA ALA A 298 21.20 17.96 -0.06
C ALA A 298 22.43 18.84 -0.34
N LEU A 299 22.60 19.25 -1.59
CA LEU A 299 23.73 20.10 -1.99
C LEU A 299 23.59 21.52 -1.44
N LEU A 300 24.62 21.98 -0.76
CA LEU A 300 24.62 23.33 -0.18
C LEU A 300 24.46 24.42 -1.24
N SER A 301 25.06 24.22 -2.42
CA SER A 301 24.97 25.24 -3.46
C SER A 301 23.53 25.44 -3.94
N VAL A 302 22.74 24.38 -3.95
CA VAL A 302 21.35 24.50 -4.38
C VAL A 302 20.52 25.08 -3.24
N GLN A 303 20.90 24.78 -2.00
CA GLN A 303 20.19 25.31 -0.85
C GLN A 303 20.34 26.84 -0.84
N ARG A 304 21.47 27.31 -1.36
CA ARG A 304 21.76 28.74 -1.40
C ARG A 304 21.15 29.45 -2.62
N SER A 305 20.41 28.71 -3.44
CA SER A 305 19.78 29.30 -4.61
C SER A 305 18.63 30.17 -4.15
N SER A 306 18.21 31.11 -4.99
CA SER A 306 17.12 32.03 -4.67
C SER A 306 15.79 31.32 -4.41
N ALA A 307 15.49 30.31 -5.21
CA ALA A 307 14.24 29.57 -5.07
C ALA A 307 14.15 28.90 -3.70
N VAL A 308 15.26 28.33 -3.24
CA VAL A 308 15.26 27.66 -1.94
C VAL A 308 15.30 28.63 -0.77
N GLN A 309 16.21 29.61 -0.82
CA GLN A 309 16.32 30.59 0.26
C GLN A 309 15.03 31.34 0.55
N SER A 310 14.18 31.49 -0.46
CA SER A 310 12.92 32.23 -0.29
C SER A 310 11.71 31.40 0.12
N SER A 311 11.86 30.08 0.15
CA SER A 311 10.75 29.19 0.46
C SER A 311 10.41 28.98 1.93
N PRO A 312 9.12 28.78 2.24
CA PRO A 312 8.67 28.55 3.62
C PRO A 312 9.24 27.24 4.15
N THR A 313 9.33 26.24 3.28
CA THR A 313 9.85 24.93 3.70
C THR A 313 11.32 25.05 4.14
N PHE A 314 12.11 25.80 3.38
CA PHE A 314 13.51 25.94 3.76
C PHE A 314 13.63 26.76 5.05
N LYS A 315 12.79 27.78 5.19
CA LYS A 315 12.84 28.62 6.39
C LYS A 315 12.62 27.77 7.64
N ALA A 316 11.64 26.87 7.59
CA ALA A 316 11.38 26.01 8.74
C ALA A 316 12.55 25.06 8.96
N PHE A 317 13.09 24.53 7.86
CA PHE A 317 14.22 23.61 7.91
C PHE A 317 15.43 24.24 8.58
N VAL A 318 15.79 25.46 8.14
CA VAL A 318 16.96 26.12 8.71
C VAL A 318 16.77 26.51 10.17
N GLU A 319 15.53 26.71 10.58
CA GLU A 319 15.24 27.06 11.97
C GLU A 319 15.32 25.84 12.89
N GLN A 320 15.08 24.66 12.34
CA GLN A 320 15.14 23.44 13.14
C GLN A 320 16.43 22.63 13.00
N LEU A 321 17.20 22.90 11.95
CA LEU A 321 18.42 22.12 11.70
C LEU A 321 19.36 21.97 12.89
N ARG A 322 19.54 23.02 13.67
CA ARG A 322 20.43 22.95 14.83
C ARG A 322 19.93 21.99 15.90
N TYR A 323 18.62 21.73 15.92
CA TYR A 323 18.05 20.85 16.92
C TYR A 323 17.78 19.45 16.37
N ALA A 324 17.87 19.31 15.05
CA ALA A 324 17.61 18.04 14.42
C ALA A 324 18.68 17.01 14.72
N VAL A 325 18.23 15.78 14.96
CA VAL A 325 19.10 14.66 15.27
C VAL A 325 19.14 13.73 14.06
N PRO A 326 20.32 13.50 13.48
CA PRO A 326 20.34 12.59 12.33
C PRO A 326 19.89 11.19 12.75
N MET A 327 19.04 10.56 11.95
CA MET A 327 18.59 9.22 12.29
C MET A 327 19.78 8.27 12.33
N PRO A 328 19.81 7.35 13.31
CA PRO A 328 20.95 6.43 13.34
C PRO A 328 20.81 5.53 12.10
N ASN A 329 21.92 5.09 11.51
CA ASN A 329 21.81 4.22 10.35
C ASN A 329 22.35 2.83 10.62
N ILE A 330 22.70 2.56 11.88
CA ILE A 330 23.21 1.25 12.23
C ILE A 330 22.05 0.26 12.18
N PRO A 331 22.34 -1.02 11.92
CA PRO A 331 21.31 -2.07 11.83
C PRO A 331 20.33 -2.10 13.00
N GLN A 332 20.84 -1.83 14.21
CA GLN A 332 20.01 -1.85 15.40
C GLN A 332 18.85 -0.85 15.34
N MET A 333 18.93 0.13 14.45
CA MET A 333 17.86 1.11 14.36
C MET A 333 16.57 0.44 13.89
N GLN A 334 16.69 -0.66 13.14
CA GLN A 334 15.49 -1.35 12.69
C GLN A 334 14.79 -2.02 13.87
N ALA A 335 15.55 -2.40 14.89
CA ALA A 335 14.98 -3.01 16.08
C ALA A 335 14.16 -1.95 16.82
N VAL A 336 14.59 -0.70 16.69
CA VAL A 336 13.90 0.41 17.33
C VAL A 336 12.56 0.66 16.63
N TRP A 337 12.58 0.71 15.29
CA TRP A 337 11.35 0.96 14.55
C TRP A 337 10.36 -0.18 14.78
N GLN A 338 10.89 -1.40 14.86
CA GLN A 338 10.05 -2.58 15.07
C GLN A 338 9.47 -2.74 16.47
N ALA A 339 10.03 -2.04 17.44
CA ALA A 339 9.54 -2.12 18.82
C ALA A 339 8.72 -0.92 19.24
N MET A 340 8.64 0.10 18.37
CA MET A 340 7.91 1.32 18.70
C MET A 340 6.40 1.17 18.79
N SER A 341 5.88 0.01 18.41
CA SER A 341 4.44 -0.22 18.47
C SER A 341 3.93 -0.04 19.91
N ILE A 342 4.83 -0.16 20.87
CA ILE A 342 4.46 -0.01 22.28
C ILE A 342 4.04 1.42 22.58
N LEU A 343 4.47 2.37 21.76
CA LEU A 343 4.11 3.77 21.96
C LEU A 343 2.60 3.94 21.87
N GLN A 344 1.98 3.14 21.02
CA GLN A 344 0.52 3.18 20.85
C GLN A 344 -0.13 2.79 22.18
N ASN A 345 0.42 1.78 22.83
CA ASN A 345 -0.11 1.32 24.11
C ASN A 345 -0.03 2.41 25.16
N ILE A 346 1.06 3.18 25.15
CA ILE A 346 1.21 4.26 26.12
C ILE A 346 0.17 5.34 25.84
N ILE A 347 0.05 5.73 24.57
CA ILE A 347 -0.89 6.77 24.16
C ILE A 347 -2.34 6.37 24.40
N ALA A 348 -2.62 5.07 24.40
CA ALA A 348 -3.98 4.58 24.62
C ALA A 348 -4.26 4.44 26.11
N GLY A 349 -3.22 4.55 26.92
CA GLY A 349 -3.36 4.44 28.36
C GLY A 349 -3.44 3.00 28.84
N LYS A 350 -3.05 2.06 27.98
CA LYS A 350 -3.07 0.65 28.32
C LYS A 350 -1.89 0.27 29.21
N VAL A 351 -0.82 1.05 29.10
CA VAL A 351 0.37 0.84 29.90
C VAL A 351 0.85 2.22 30.35
N SER A 352 1.47 2.29 31.53
CA SER A 352 1.95 3.57 32.04
C SER A 352 3.16 4.04 31.24
N PRO A 353 3.43 5.36 31.28
CA PRO A 353 4.58 5.91 30.54
C PRO A 353 5.88 5.29 31.05
N GLU A 354 5.97 5.11 32.36
CA GLU A 354 7.16 4.54 32.97
C GLU A 354 7.38 3.09 32.58
N GLN A 355 6.33 2.28 32.69
CA GLN A 355 6.43 0.87 32.33
C GLN A 355 6.59 0.69 30.83
N GLY A 356 5.85 1.48 30.06
CA GLY A 356 5.95 1.39 28.61
C GLY A 356 7.35 1.73 28.14
N ALA A 357 7.97 2.73 28.76
CA ALA A 357 9.32 3.14 28.40
C ALA A 357 10.31 2.02 28.68
N LYS A 358 10.18 1.41 29.85
CA LYS A 358 11.05 0.32 30.26
C LYS A 358 10.96 -0.85 29.28
N ASP A 359 9.73 -1.24 28.94
CA ASP A 359 9.53 -2.35 28.02
C ASP A 359 10.00 -2.03 26.60
N PHE A 360 9.84 -0.77 26.19
CA PHE A 360 10.27 -0.32 24.87
C PHE A 360 11.77 -0.59 24.73
N VAL A 361 12.54 -0.13 25.70
CA VAL A 361 13.99 -0.31 25.65
C VAL A 361 14.36 -1.78 25.78
N GLN A 362 13.70 -2.50 26.67
CA GLN A 362 14.00 -3.93 26.82
C GLN A 362 13.76 -4.65 25.49
N ASN A 363 12.66 -4.31 24.82
CA ASN A 363 12.35 -4.96 23.56
C ASN A 363 13.38 -4.62 22.49
N ILE A 364 13.89 -3.39 22.50
CA ILE A 364 14.92 -2.99 21.55
C ILE A 364 16.19 -3.79 21.80
N GLN A 365 16.54 -3.95 23.07
CA GLN A 365 17.76 -4.65 23.45
C GLN A 365 17.76 -6.14 23.10
N LYS A 366 16.59 -6.68 22.80
CA LYS A 366 16.50 -8.08 22.41
C LYS A 366 17.17 -8.22 21.05
N GLY A 367 17.22 -7.11 20.32
CA GLY A 367 17.84 -7.10 19.01
C GLY A 367 17.05 -7.83 17.93
N ILE A 368 17.68 -8.01 16.79
CA ILE A 368 17.06 -8.72 15.66
C ILE A 368 17.95 -9.88 15.24
N MET A 369 17.37 -11.07 15.19
CA MET A 369 18.11 -12.27 14.80
C MET A 369 18.78 -12.05 13.45
N ALA A 370 20.08 -12.30 13.38
CA ALA A 370 20.83 -12.13 12.15
C ALA A 370 20.27 -13.00 11.03
N THR B 2 -17.94 9.60 15.69
CA THR B 2 -17.86 9.69 14.20
C THR B 2 -18.16 8.32 13.59
N ILE B 3 -18.53 8.31 12.31
CA ILE B 3 -18.82 7.06 11.62
C ILE B 3 -17.57 6.63 10.86
N THR B 4 -17.06 5.45 11.20
CA THR B 4 -15.87 4.93 10.56
C THR B 4 -16.19 3.95 9.44
N VAL B 5 -15.56 4.16 8.30
CA VAL B 5 -15.72 3.31 7.13
C VAL B 5 -14.37 2.67 6.83
N TRP B 6 -14.37 1.34 6.64
CA TRP B 6 -13.15 0.63 6.29
C TRP B 6 -13.32 0.21 4.84
N SER B 7 -12.39 0.64 3.98
CA SER B 7 -12.47 0.30 2.57
C SER B 7 -11.36 -0.65 2.14
N TRP B 8 -11.73 -1.67 1.38
CA TRP B 8 -10.75 -2.62 0.88
C TRP B 8 -10.44 -2.32 -0.59
N GLN B 9 -10.98 -1.20 -1.08
CA GLN B 9 -10.70 -0.77 -2.44
C GLN B 9 -9.80 0.45 -2.26
N THR B 10 -8.77 0.57 -3.10
CA THR B 10 -7.86 1.69 -2.97
C THR B 10 -7.78 2.51 -4.26
N GLY B 11 -6.76 3.34 -4.37
CA GLY B 11 -6.59 4.16 -5.56
C GLY B 11 -7.70 5.15 -5.83
N PRO B 12 -7.98 5.45 -7.10
CA PRO B 12 -9.03 6.39 -7.52
C PRO B 12 -10.40 6.09 -6.94
N GLU B 13 -10.75 4.80 -6.82
CA GLU B 13 -12.05 4.45 -6.27
C GLU B 13 -12.13 4.92 -4.82
N LEU B 14 -11.03 4.77 -4.09
CA LEU B 14 -11.00 5.19 -2.69
C LEU B 14 -11.20 6.70 -2.60
N GLN B 15 -10.58 7.43 -3.52
CA GLN B 15 -10.73 8.88 -3.54
C GLN B 15 -12.20 9.24 -3.74
N ASP B 16 -12.87 8.51 -4.64
CA ASP B 16 -14.28 8.75 -4.90
C ASP B 16 -15.12 8.44 -3.67
N VAL B 17 -14.79 7.36 -2.98
CA VAL B 17 -15.50 6.97 -1.78
C VAL B 17 -15.39 8.09 -0.74
N LYS B 18 -14.18 8.63 -0.57
CA LYS B 18 -13.96 9.69 0.39
C LYS B 18 -14.76 10.93 0.03
N GLN B 19 -14.81 11.24 -1.27
CA GLN B 19 -15.53 12.40 -1.75
C GLN B 19 -17.03 12.27 -1.50
N ILE B 20 -17.58 11.12 -1.84
CA ILE B 20 -19.01 10.86 -1.65
C ILE B 20 -19.34 10.88 -0.16
N ALA B 21 -18.47 10.28 0.65
CA ALA B 21 -18.69 10.24 2.09
C ALA B 21 -18.67 11.65 2.67
N ALA B 22 -17.76 12.48 2.19
CA ALA B 22 -17.65 13.86 2.67
C ALA B 22 -18.90 14.66 2.34
N GLN B 23 -19.44 14.43 1.14
CA GLN B 23 -20.65 15.13 0.70
C GLN B 23 -21.83 14.69 1.58
N TRP B 24 -21.90 13.39 1.84
CA TRP B 24 -22.97 12.83 2.67
C TRP B 24 -22.86 13.40 4.08
N ALA B 25 -21.64 13.42 4.62
CA ALA B 25 -21.40 13.93 5.96
C ALA B 25 -21.79 15.39 6.10
N LYS B 26 -21.59 16.17 5.04
CA LYS B 26 -21.92 17.58 5.07
C LYS B 26 -23.42 17.83 5.24
N ALA B 27 -24.23 16.99 4.61
CA ALA B 27 -25.68 17.14 4.70
C ALA B 27 -26.23 16.57 6.01
N HIS B 28 -25.58 15.54 6.53
CA HIS B 28 -26.03 14.87 7.74
C HIS B 28 -25.44 15.40 9.04
N GLY B 29 -24.34 16.14 8.94
CA GLY B 29 -23.73 16.69 10.14
C GLY B 29 -22.87 15.70 10.90
N ASP B 30 -22.66 14.52 10.33
CA ASP B 30 -21.85 13.51 10.99
C ASP B 30 -20.42 13.57 10.47
N LYS B 31 -19.49 13.11 11.29
CA LYS B 31 -18.09 13.09 10.89
C LYS B 31 -17.78 11.68 10.39
N VAL B 32 -17.22 11.59 9.19
CA VAL B 32 -16.90 10.29 8.61
C VAL B 32 -15.41 10.14 8.33
N ILE B 33 -14.86 9.02 8.78
CA ILE B 33 -13.46 8.72 8.57
C ILE B 33 -13.40 7.47 7.69
N VAL B 34 -12.62 7.53 6.62
CA VAL B 34 -12.48 6.40 5.71
C VAL B 34 -11.05 5.85 5.84
N VAL B 35 -10.94 4.57 6.15
CA VAL B 35 -9.64 3.91 6.31
C VAL B 35 -9.36 2.89 5.21
N ASP B 36 -8.19 2.99 4.60
CA ASP B 36 -7.77 2.06 3.54
C ASP B 36 -7.19 0.80 4.18
N GLN B 37 -7.90 -0.31 4.07
CA GLN B 37 -7.45 -1.57 4.63
C GLN B 37 -6.97 -2.52 3.55
N SER B 38 -6.93 -2.04 2.31
CA SER B 38 -6.52 -2.87 1.18
C SER B 38 -5.17 -3.54 1.34
N SER B 39 -4.28 -2.93 2.12
CA SER B 39 -2.95 -3.50 2.32
C SER B 39 -2.74 -4.06 3.72
N ASN B 40 -3.83 -4.19 4.49
CA ASN B 40 -3.73 -4.73 5.84
C ASN B 40 -3.24 -6.16 5.73
N PRO B 41 -2.18 -6.52 6.48
CA PRO B 41 -1.62 -7.87 6.45
C PRO B 41 -2.57 -8.98 6.89
N LYS B 42 -3.66 -8.60 7.54
CA LYS B 42 -4.65 -9.58 8.00
C LYS B 42 -5.62 -9.93 6.89
N GLY B 43 -5.56 -9.18 5.79
CA GLY B 43 -6.43 -9.46 4.67
C GLY B 43 -7.89 -9.10 4.86
N PHE B 44 -8.73 -9.59 3.96
CA PHE B 44 -10.17 -9.34 4.00
C PHE B 44 -10.79 -9.78 5.31
N GLN B 45 -10.30 -10.89 5.84
CA GLN B 45 -10.84 -11.41 7.09
C GLN B 45 -10.47 -10.59 8.31
N PHE B 46 -9.71 -9.51 8.13
CA PHE B 46 -9.34 -8.66 9.24
C PHE B 46 -10.62 -8.08 9.87
N TYR B 47 -11.67 -7.91 9.06
CA TYR B 47 -12.90 -7.38 9.60
C TYR B 47 -13.37 -8.28 10.74
N ALA B 48 -13.29 -9.59 10.54
CA ALA B 48 -13.72 -10.53 11.57
C ALA B 48 -12.83 -10.37 12.79
N THR B 49 -11.53 -10.29 12.58
CA THR B 49 -10.57 -10.13 13.66
C THR B 49 -10.96 -8.96 14.58
N ALA B 50 -11.24 -7.81 13.98
CA ALA B 50 -11.60 -6.62 14.73
C ALA B 50 -13.00 -6.69 15.34
N ALA B 51 -13.97 -7.07 14.52
CA ALA B 51 -15.35 -7.15 14.97
C ALA B 51 -15.54 -8.13 16.13
N ARG B 52 -14.77 -9.20 16.16
CA ARG B 52 -14.86 -10.18 17.23
C ARG B 52 -14.56 -9.57 18.60
N THR B 53 -13.70 -8.56 18.63
CA THR B 53 -13.33 -7.90 19.87
C THR B 53 -14.10 -6.60 20.06
N GLY B 54 -15.05 -6.33 19.18
CA GLY B 54 -15.84 -5.11 19.28
C GLY B 54 -15.06 -3.88 18.86
N LYS B 55 -14.06 -4.07 18.02
CA LYS B 55 -13.24 -2.96 17.54
C LYS B 55 -13.36 -2.77 16.03
N GLY B 56 -14.48 -3.20 15.47
CA GLY B 56 -14.68 -3.05 14.03
C GLY B 56 -15.23 -1.69 13.66
N PRO B 57 -15.29 -1.39 12.35
CA PRO B 57 -15.80 -0.10 11.86
C PRO B 57 -17.32 -0.14 11.85
N ASP B 58 -17.94 0.99 11.54
CA ASP B 58 -19.39 1.05 11.45
C ASP B 58 -19.83 0.51 10.10
N VAL B 59 -19.06 0.85 9.07
CA VAL B 59 -19.36 0.45 7.70
C VAL B 59 -18.14 -0.14 6.99
N VAL B 60 -18.39 -1.14 6.15
CA VAL B 60 -17.33 -1.77 5.37
C VAL B 60 -17.66 -1.54 3.89
N PHE B 61 -16.68 -1.06 3.14
CA PHE B 61 -16.86 -0.84 1.72
C PHE B 61 -15.81 -1.58 0.91
N GLY B 62 -16.24 -2.26 -0.14
CA GLY B 62 -15.31 -2.95 -1.02
C GLY B 62 -14.88 -4.35 -0.64
N MET B 63 -15.76 -5.07 0.04
CA MET B 63 -15.47 -6.43 0.48
C MET B 63 -15.96 -7.49 -0.52
N PRO B 64 -15.05 -8.36 -1.00
CA PRO B 64 -15.46 -9.41 -1.95
C PRO B 64 -16.48 -10.27 -1.21
N HIS B 65 -17.58 -10.60 -1.88
CA HIS B 65 -18.68 -11.34 -1.27
C HIS B 65 -18.44 -12.69 -0.60
N ASP B 66 -17.43 -13.42 -1.03
CA ASP B 66 -17.18 -14.73 -0.43
C ASP B 66 -16.87 -14.64 1.08
N ASN B 67 -16.27 -13.53 1.48
CA ASN B 67 -15.88 -13.30 2.87
C ASN B 67 -17.03 -13.12 3.83
N ASN B 68 -18.16 -12.63 3.33
CA ASN B 68 -19.30 -12.36 4.19
C ASN B 68 -19.95 -13.56 4.86
N GLY B 69 -19.73 -14.75 4.32
CA GLY B 69 -20.31 -15.94 4.92
C GLY B 69 -19.78 -16.13 6.33
N VAL B 70 -18.51 -15.80 6.54
CA VAL B 70 -17.89 -15.93 7.86
C VAL B 70 -18.44 -14.86 8.78
N PHE B 71 -18.48 -13.63 8.30
CA PHE B 71 -18.97 -12.50 9.09
C PHE B 71 -20.41 -12.72 9.56
N ALA B 72 -21.27 -13.15 8.64
CA ALA B 72 -22.68 -13.38 8.96
C ALA B 72 -22.87 -14.54 9.93
N GLU B 73 -22.10 -15.62 9.73
CA GLU B 73 -22.18 -16.79 10.60
C GLU B 73 -21.86 -16.41 12.04
N GLU B 74 -20.94 -15.47 12.21
CA GLU B 74 -20.54 -15.03 13.55
C GLU B 74 -21.41 -13.89 14.07
N GLY B 75 -22.43 -13.53 13.30
CA GLY B 75 -23.34 -12.47 13.71
C GLY B 75 -22.72 -11.09 13.73
N LEU B 76 -21.75 -10.85 12.86
CA LEU B 76 -21.05 -9.56 12.82
C LEU B 76 -21.64 -8.56 11.82
N MET B 77 -22.63 -8.99 11.04
CA MET B 77 -23.25 -8.14 10.03
C MET B 77 -24.71 -7.87 10.33
N ALA B 78 -25.14 -6.64 10.09
CA ALA B 78 -26.55 -6.30 10.29
C ALA B 78 -27.31 -6.70 9.02
N PRO B 79 -28.41 -7.44 9.17
CA PRO B 79 -29.15 -7.82 7.96
C PRO B 79 -29.58 -6.55 7.21
N VAL B 80 -29.59 -6.62 5.89
CA VAL B 80 -30.00 -5.46 5.10
C VAL B 80 -31.48 -5.17 5.38
N PRO B 81 -31.79 -3.95 5.83
CA PRO B 81 -33.18 -3.56 6.15
C PRO B 81 -34.05 -3.50 4.89
N SER B 82 -35.35 -3.57 5.09
CA SER B 82 -36.28 -3.50 3.97
C SER B 82 -36.22 -2.13 3.31
N GLY B 83 -36.44 -2.10 2.00
CA GLY B 83 -36.41 -0.84 1.28
C GLY B 83 -35.02 -0.32 0.96
N VAL B 84 -33.99 -1.10 1.30
CA VAL B 84 -32.63 -0.70 1.02
C VAL B 84 -32.11 -1.36 -0.25
N LEU B 85 -32.55 -2.59 -0.50
CA LEU B 85 -32.13 -3.33 -1.68
C LEU B 85 -33.26 -3.68 -2.65
N ASN B 86 -33.16 -3.16 -3.86
CA ASN B 86 -34.15 -3.44 -4.89
C ASN B 86 -33.54 -4.56 -5.74
N THR B 87 -33.85 -5.80 -5.38
CA THR B 87 -33.30 -6.96 -6.08
C THR B 87 -33.48 -6.96 -7.60
N GLY B 88 -34.54 -6.33 -8.09
CA GLY B 88 -34.79 -6.30 -9.53
C GLY B 88 -33.84 -5.44 -10.33
N LEU B 89 -32.96 -4.70 -9.66
CA LEU B 89 -32.02 -3.83 -10.35
C LEU B 89 -30.68 -4.52 -10.65
N TYR B 90 -30.56 -5.78 -10.25
CA TYR B 90 -29.34 -6.54 -10.46
C TYR B 90 -29.60 -7.86 -11.15
N ALA B 91 -28.53 -8.49 -11.61
CA ALA B 91 -28.63 -9.78 -12.25
C ALA B 91 -28.87 -10.77 -11.11
N PRO B 92 -29.58 -11.87 -11.37
CA PRO B 92 -29.87 -12.88 -10.35
C PRO B 92 -28.67 -13.36 -9.53
N ASN B 93 -27.56 -13.69 -10.20
CA ASN B 93 -26.37 -14.17 -9.52
C ASN B 93 -25.76 -13.12 -8.60
N THR B 94 -25.93 -11.85 -8.94
CA THR B 94 -25.39 -10.78 -8.12
C THR B 94 -26.08 -10.73 -6.76
N ILE B 95 -27.40 -10.89 -6.75
CA ILE B 95 -28.16 -10.87 -5.51
C ILE B 95 -27.93 -12.13 -4.68
N ASP B 96 -27.84 -13.28 -5.35
CA ASP B 96 -27.60 -14.52 -4.63
C ASP B 96 -26.25 -14.45 -3.91
N ALA B 97 -25.30 -13.73 -4.51
CA ALA B 97 -23.97 -13.62 -3.92
C ALA B 97 -23.96 -12.87 -2.59
N ILE B 98 -24.93 -12.00 -2.37
CA ILE B 98 -24.96 -11.25 -1.12
C ILE B 98 -25.88 -11.85 -0.06
N LYS B 99 -26.49 -12.99 -0.39
CA LYS B 99 -27.36 -13.69 0.55
C LYS B 99 -26.58 -14.78 1.26
N VAL B 100 -26.79 -14.91 2.57
CA VAL B 100 -26.14 -15.93 3.37
C VAL B 100 -27.26 -16.66 4.10
N ASN B 101 -27.39 -17.96 3.84
CA ASN B 101 -28.45 -18.75 4.46
C ASN B 101 -29.81 -18.16 4.11
N GLY B 102 -29.89 -17.58 2.91
CA GLY B 102 -31.15 -17.00 2.45
C GLY B 102 -31.41 -15.57 2.87
N THR B 103 -30.54 -14.99 3.69
CA THR B 103 -30.72 -13.63 4.15
C THR B 103 -29.74 -12.66 3.49
N MET B 104 -30.24 -11.50 3.08
CA MET B 104 -29.40 -10.48 2.44
C MET B 104 -28.60 -9.77 3.53
N TYR B 105 -27.28 -9.79 3.39
CA TYR B 105 -26.40 -9.16 4.38
C TYR B 105 -25.53 -8.03 3.87
N SER B 106 -25.49 -7.82 2.57
CA SER B 106 -24.69 -6.73 2.03
C SER B 106 -25.29 -6.19 0.75
N VAL B 107 -24.79 -5.04 0.32
CA VAL B 107 -25.26 -4.38 -0.89
C VAL B 107 -24.18 -4.51 -1.96
N PRO B 108 -24.55 -4.97 -3.16
CA PRO B 108 -23.54 -5.09 -4.21
C PRO B 108 -23.16 -3.73 -4.78
N VAL B 109 -21.88 -3.56 -5.10
CA VAL B 109 -21.41 -2.30 -5.64
C VAL B 109 -20.78 -2.53 -7.02
N SER B 110 -20.01 -3.61 -7.14
CA SER B 110 -19.34 -3.92 -8.40
C SER B 110 -19.35 -5.42 -8.65
N VAL B 111 -19.20 -5.80 -9.92
CA VAL B 111 -19.11 -7.21 -10.28
C VAL B 111 -17.77 -7.35 -11.01
N GLN B 112 -17.09 -8.46 -10.75
CA GLN B 112 -15.76 -8.70 -11.31
C GLN B 112 -15.54 -10.09 -11.86
N VAL B 113 -14.85 -10.16 -12.99
CA VAL B 113 -14.48 -11.42 -13.60
C VAL B 113 -13.06 -11.22 -14.14
N ALA B 114 -12.11 -11.99 -13.62
CA ALA B 114 -10.72 -11.88 -14.04
C ALA B 114 -10.60 -12.04 -15.55
N ALA B 115 -9.67 -11.31 -16.16
CA ALA B 115 -9.50 -11.36 -17.60
C ALA B 115 -8.04 -11.18 -17.96
N ILE B 116 -7.72 -11.37 -19.23
CA ILE B 116 -6.35 -11.21 -19.69
C ILE B 116 -6.12 -9.75 -20.07
N TYR B 117 -5.12 -9.14 -19.45
CA TYR B 117 -4.77 -7.77 -19.78
C TYR B 117 -3.55 -7.89 -20.68
N TYR B 118 -3.60 -7.27 -21.85
CA TYR B 118 -2.49 -7.38 -22.77
C TYR B 118 -1.93 -6.04 -23.23
N ASN B 119 -0.65 -6.06 -23.61
CA ASN B 119 0.05 -4.87 -24.07
C ASN B 119 -0.05 -4.81 -25.60
N LYS B 120 -0.80 -3.82 -26.10
CA LYS B 120 -1.00 -3.69 -27.53
C LYS B 120 0.25 -3.46 -28.37
N LYS B 121 1.31 -2.97 -27.73
CA LYS B 121 2.56 -2.73 -28.45
C LYS B 121 3.21 -4.05 -28.76
N LEU B 122 2.98 -5.04 -27.89
CA LEU B 122 3.56 -6.36 -28.07
C LEU B 122 2.58 -7.30 -28.76
N VAL B 123 1.33 -7.29 -28.31
CA VAL B 123 0.28 -8.12 -28.87
C VAL B 123 -0.88 -7.23 -29.33
N PRO B 124 -0.83 -6.76 -30.59
CA PRO B 124 -1.87 -5.89 -31.15
C PRO B 124 -3.28 -6.45 -31.06
N GLN B 125 -3.43 -7.72 -31.42
CA GLN B 125 -4.73 -8.39 -31.37
C GLN B 125 -4.60 -9.56 -30.41
N PRO B 126 -5.49 -9.63 -29.40
CA PRO B 126 -5.46 -10.71 -28.41
C PRO B 126 -5.84 -12.08 -28.95
N PRO B 127 -5.32 -13.14 -28.32
CA PRO B 127 -5.59 -14.52 -28.72
C PRO B 127 -6.97 -14.96 -28.23
N GLN B 128 -7.63 -15.81 -29.01
CA GLN B 128 -8.95 -16.30 -28.66
C GLN B 128 -8.91 -17.78 -28.28
N THR B 129 -8.08 -18.55 -28.99
CA THR B 129 -7.96 -19.98 -28.74
C THR B 129 -6.66 -20.29 -28.03
N TRP B 130 -6.55 -21.52 -27.53
CA TRP B 130 -5.34 -21.91 -26.84
C TRP B 130 -4.13 -21.84 -27.76
N ALA B 131 -4.27 -22.32 -28.99
CA ALA B 131 -3.17 -22.31 -29.94
C ALA B 131 -2.62 -20.89 -30.12
N GLU B 132 -3.51 -19.92 -30.27
CA GLU B 132 -3.12 -18.52 -30.44
C GLU B 132 -2.47 -17.97 -29.18
N PHE B 133 -3.00 -18.36 -28.02
CA PHE B 133 -2.49 -17.92 -26.74
C PHE B 133 -1.06 -18.40 -26.56
N VAL B 134 -0.82 -19.66 -26.91
CA VAL B 134 0.51 -20.25 -26.80
C VAL B 134 1.52 -19.45 -27.62
N LYS B 135 1.15 -19.09 -28.84
CA LYS B 135 2.05 -18.31 -29.68
C LYS B 135 2.38 -16.97 -29.04
N ASP B 136 1.36 -16.24 -28.62
CA ASP B 136 1.60 -14.94 -27.99
C ASP B 136 2.42 -15.05 -26.71
N ALA B 137 2.19 -16.09 -25.93
CA ALA B 137 2.91 -16.30 -24.68
C ALA B 137 4.38 -16.61 -24.96
N ASN B 138 4.62 -17.42 -25.99
CA ASN B 138 5.99 -17.79 -26.34
C ASN B 138 6.77 -16.60 -26.86
N ALA B 139 6.10 -15.77 -27.63
CA ALA B 139 6.73 -14.60 -28.25
C ALA B 139 6.91 -13.39 -27.36
N HIS B 140 5.90 -13.05 -26.58
CA HIS B 140 5.99 -11.86 -25.75
C HIS B 140 5.83 -12.04 -24.24
N GLY B 141 5.62 -13.28 -23.80
CA GLY B 141 5.50 -13.54 -22.38
C GLY B 141 4.11 -13.58 -21.76
N PHE B 142 3.99 -14.39 -20.72
CA PHE B 142 2.73 -14.53 -19.98
C PHE B 142 3.03 -14.96 -18.54
N MET B 143 2.45 -14.24 -17.60
CA MET B 143 2.62 -14.56 -16.19
C MET B 143 1.38 -14.12 -15.45
N TYR B 144 1.11 -14.78 -14.34
CA TYR B 144 -0.01 -14.42 -13.49
C TYR B 144 0.17 -15.07 -12.13
N ASP B 145 -0.76 -14.80 -11.21
CA ASP B 145 -0.72 -15.36 -9.85
C ASP B 145 -1.15 -16.83 -10.00
N GLN B 146 -0.27 -17.58 -10.64
CA GLN B 146 -0.50 -19.00 -10.97
C GLN B 146 -0.92 -19.96 -9.86
N ALA B 147 -0.48 -19.73 -8.63
CA ALA B 147 -0.82 -20.61 -7.52
C ALA B 147 -1.97 -20.10 -6.67
N ASN B 148 -2.62 -19.04 -7.12
CA ASN B 148 -3.76 -18.46 -6.40
C ASN B 148 -5.02 -19.05 -7.02
N LEU B 149 -5.75 -19.85 -6.25
CA LEU B 149 -6.97 -20.49 -6.75
C LEU B 149 -7.96 -19.51 -7.36
N TYR B 150 -8.01 -18.30 -6.80
CA TYR B 150 -8.94 -17.31 -7.33
C TYR B 150 -8.74 -17.13 -8.83
N PHE B 151 -7.49 -17.20 -9.28
CA PHE B 151 -7.20 -17.03 -10.69
C PHE B 151 -7.10 -18.34 -11.46
N ASP B 152 -6.37 -19.31 -10.91
CA ASP B 152 -6.22 -20.56 -11.66
C ASP B 152 -7.47 -21.45 -11.71
N TYR B 153 -8.50 -21.07 -10.97
CA TYR B 153 -9.74 -21.84 -11.01
C TYR B 153 -10.31 -21.77 -12.42
N ALA B 154 -10.00 -20.71 -13.16
CA ALA B 154 -10.50 -20.58 -14.52
C ALA B 154 -10.12 -21.82 -15.32
N ILE B 155 -8.92 -22.35 -15.04
CA ILE B 155 -8.46 -23.54 -15.72
C ILE B 155 -9.12 -24.79 -15.13
N ILE B 156 -9.17 -24.86 -13.80
CA ILE B 156 -9.78 -26.00 -13.11
C ILE B 156 -11.23 -26.24 -13.56
N GLY B 157 -12.02 -25.18 -13.56
CA GLY B 157 -13.41 -25.31 -13.96
C GLY B 157 -13.55 -25.61 -15.44
N GLY B 158 -12.59 -25.11 -16.22
CA GLY B 158 -12.62 -25.34 -17.66
C GLY B 158 -12.49 -26.82 -17.95
N TYR B 159 -11.86 -27.55 -17.03
CA TYR B 159 -11.68 -28.98 -17.19
C TYR B 159 -12.72 -29.78 -16.42
N GLY B 160 -13.76 -29.10 -15.94
CA GLY B 160 -14.82 -29.78 -15.22
C GLY B 160 -14.72 -29.80 -13.71
N GLY B 161 -13.63 -29.26 -13.17
CA GLY B 161 -13.49 -29.22 -11.73
C GLY B 161 -14.45 -28.22 -11.14
N TYR B 162 -14.64 -28.28 -9.83
CA TYR B 162 -15.54 -27.36 -9.14
C TYR B 162 -15.13 -27.32 -7.67
N VAL B 163 -15.52 -26.26 -6.97
CA VAL B 163 -15.20 -26.15 -5.55
C VAL B 163 -16.24 -26.98 -4.80
N PHE B 164 -17.45 -26.44 -4.66
CA PHE B 164 -18.54 -27.14 -3.99
C PHE B 164 -19.65 -27.37 -5.02
N LYS B 165 -20.19 -28.58 -5.05
CA LYS B 165 -21.24 -28.92 -5.99
C LYS B 165 -22.45 -28.01 -5.87
N ASP B 166 -22.89 -27.46 -7.01
CA ASP B 166 -24.05 -26.58 -7.06
C ASP B 166 -25.33 -27.34 -7.36
N ASN B 167 -26.27 -27.32 -6.42
CA ASN B 167 -27.54 -28.00 -6.57
C ASN B 167 -28.68 -27.00 -6.46
N ASN B 168 -29.01 -26.34 -7.56
CA ASN B 168 -30.07 -25.34 -7.60
C ASN B 168 -29.83 -24.24 -6.56
N GLY B 169 -28.76 -23.48 -6.75
CA GLY B 169 -28.44 -22.40 -5.84
C GLY B 169 -28.00 -22.87 -4.47
N THR B 170 -28.08 -24.18 -4.23
CA THR B 170 -27.68 -24.74 -2.94
C THR B 170 -26.37 -25.51 -3.08
N LEU B 171 -25.37 -25.09 -2.30
CA LEU B 171 -24.06 -25.72 -2.35
C LEU B 171 -23.93 -26.84 -1.31
N ASP B 172 -23.27 -27.93 -1.71
CA ASP B 172 -23.03 -29.06 -0.82
C ASP B 172 -21.57 -28.95 -0.41
N PRO B 173 -21.30 -28.51 0.83
CA PRO B 173 -19.93 -28.38 1.31
C PRO B 173 -19.10 -29.66 1.34
N ASN B 174 -19.76 -30.81 1.38
CA ASN B 174 -19.05 -32.08 1.42
C ASN B 174 -18.66 -32.59 0.03
N ASN B 175 -19.40 -32.16 -0.99
CA ASN B 175 -19.13 -32.60 -2.37
C ASN B 175 -18.15 -31.63 -3.02
N ILE B 176 -16.87 -31.92 -2.90
CA ILE B 176 -15.81 -31.08 -3.45
C ILE B 176 -15.31 -31.65 -4.77
N GLY B 177 -15.05 -30.78 -5.75
CA GLY B 177 -14.58 -31.25 -7.04
C GLY B 177 -13.19 -30.78 -7.40
N LEU B 178 -12.36 -30.52 -6.40
CA LEU B 178 -11.00 -30.05 -6.66
C LEU B 178 -9.98 -31.18 -6.81
N ASP B 179 -10.47 -32.43 -6.77
CA ASP B 179 -9.59 -33.58 -6.92
C ASP B 179 -10.14 -34.58 -7.92
N THR B 180 -11.05 -34.11 -8.77
CA THR B 180 -11.62 -34.98 -9.80
C THR B 180 -10.56 -35.18 -10.87
N PRO B 181 -10.75 -36.16 -11.77
CA PRO B 181 -9.74 -36.38 -12.81
C PRO B 181 -9.58 -35.13 -13.68
N GLY B 182 -10.67 -34.39 -13.83
CA GLY B 182 -10.64 -33.16 -14.61
C GLY B 182 -9.78 -32.11 -13.94
N ALA B 183 -9.93 -31.98 -12.62
CA ALA B 183 -9.14 -31.02 -11.86
C ALA B 183 -7.66 -31.37 -11.97
N VAL B 184 -7.35 -32.67 -11.97
CA VAL B 184 -5.97 -33.10 -12.07
C VAL B 184 -5.39 -32.72 -13.43
N GLN B 185 -6.21 -32.77 -14.48
CA GLN B 185 -5.75 -32.39 -15.81
C GLN B 185 -5.36 -30.92 -15.76
N ALA B 186 -6.18 -30.12 -15.09
CA ALA B 186 -5.93 -28.69 -14.97
C ALA B 186 -4.61 -28.43 -14.24
N TYR B 187 -4.40 -29.14 -13.12
CA TYR B 187 -3.20 -28.98 -12.32
C TYR B 187 -1.99 -29.36 -13.16
N THR B 188 -2.16 -30.33 -14.04
CA THR B 188 -1.08 -30.77 -14.90
C THR B 188 -0.74 -29.65 -15.88
N LEU B 189 -1.75 -28.95 -16.37
CA LEU B 189 -1.52 -27.85 -17.30
C LEU B 189 -0.82 -26.71 -16.57
N MET B 190 -1.19 -26.47 -15.31
CA MET B 190 -0.55 -25.42 -14.52
C MET B 190 0.94 -25.73 -14.36
N ARG B 191 1.27 -27.00 -14.12
CA ARG B 191 2.67 -27.39 -13.97
C ARG B 191 3.40 -27.24 -15.31
N ASP B 192 2.70 -27.58 -16.39
CA ASP B 192 3.27 -27.48 -17.74
C ASP B 192 3.61 -26.05 -18.16
N MET B 193 2.87 -25.06 -17.64
CA MET B 193 3.16 -23.69 -18.00
C MET B 193 4.53 -23.28 -17.46
N VAL B 194 5.05 -24.09 -16.54
CA VAL B 194 6.37 -23.83 -15.97
C VAL B 194 7.41 -24.77 -16.59
N SER B 195 7.17 -26.07 -16.50
CA SER B 195 8.10 -27.09 -16.99
C SER B 195 8.15 -27.35 -18.50
N LYS B 196 7.06 -27.09 -19.19
CA LYS B 196 6.98 -27.34 -20.63
C LYS B 196 7.10 -26.07 -21.47
N TYR B 197 6.27 -25.07 -21.16
CA TYR B 197 6.28 -23.82 -21.90
C TYR B 197 7.26 -22.79 -21.39
N HIS B 198 7.68 -22.93 -20.14
CA HIS B 198 8.64 -22.03 -19.51
C HIS B 198 8.14 -20.59 -19.45
N TRP B 199 6.83 -20.40 -19.39
CA TRP B 199 6.29 -19.04 -19.31
C TRP B 199 6.56 -18.46 -17.95
N MET B 200 6.57 -19.32 -16.94
CA MET B 200 6.80 -18.89 -15.56
C MET B 200 7.73 -19.86 -14.86
N THR B 201 8.21 -19.45 -13.69
CA THR B 201 9.07 -20.29 -12.88
C THR B 201 8.26 -20.60 -11.63
N PRO B 202 8.70 -21.56 -10.80
CA PRO B 202 7.96 -21.89 -9.59
C PRO B 202 7.74 -20.71 -8.66
N SER B 203 8.61 -19.71 -8.73
CA SER B 203 8.48 -18.53 -7.86
C SER B 203 7.60 -17.42 -8.40
N THR B 204 7.20 -17.53 -9.67
CA THR B 204 6.34 -16.51 -10.27
C THR B 204 5.01 -16.42 -9.53
N ASN B 205 4.62 -15.20 -9.17
CA ASN B 205 3.36 -14.98 -8.48
C ASN B 205 2.72 -13.70 -9.00
N GLY B 206 1.65 -13.26 -8.34
CA GLY B 206 0.94 -12.06 -8.76
C GLY B 206 1.79 -10.80 -8.76
N SER B 207 2.55 -10.59 -7.69
CA SER B 207 3.41 -9.42 -7.57
C SER B 207 4.42 -9.35 -8.70
N ILE B 208 5.07 -10.48 -8.98
CA ILE B 208 6.07 -10.55 -10.03
C ILE B 208 5.44 -10.34 -11.42
N ALA B 209 4.31 -10.97 -11.66
CA ALA B 209 3.62 -10.85 -12.94
C ALA B 209 3.20 -9.40 -13.21
N LYS B 210 2.65 -8.74 -12.20
CA LYS B 210 2.21 -7.36 -12.38
C LYS B 210 3.40 -6.47 -12.70
N ALA B 211 4.49 -6.62 -11.95
CA ALA B 211 5.69 -5.82 -12.17
C ALA B 211 6.22 -5.97 -13.60
N GLU B 212 6.26 -7.21 -14.09
CA GLU B 212 6.74 -7.45 -15.43
C GLU B 212 5.84 -6.79 -16.47
N PHE B 213 4.53 -6.84 -16.24
CA PHE B 213 3.60 -6.23 -17.19
C PHE B 213 3.78 -4.73 -17.24
N LEU B 214 3.90 -4.10 -16.07
CA LEU B 214 4.06 -2.66 -15.99
C LEU B 214 5.38 -2.20 -16.61
N ALA B 215 6.36 -3.09 -16.68
CA ALA B 215 7.67 -2.77 -17.25
C ALA B 215 7.74 -3.03 -18.76
N GLY B 216 6.64 -3.54 -19.33
CA GLY B 216 6.61 -3.82 -20.75
C GLY B 216 7.43 -5.06 -21.09
N LYS B 217 7.63 -5.92 -20.10
CA LYS B 217 8.40 -7.16 -20.28
C LYS B 217 7.55 -8.32 -20.81
N ILE B 218 6.30 -8.41 -20.35
CA ILE B 218 5.42 -9.47 -20.80
C ILE B 218 4.20 -8.89 -21.50
N GLY B 219 3.71 -9.58 -22.52
CA GLY B 219 2.56 -9.11 -23.27
C GLY B 219 1.21 -9.42 -22.67
N MET B 220 1.11 -10.51 -21.91
CA MET B 220 -0.16 -10.91 -21.31
C MET B 220 -0.05 -11.17 -19.80
N TYR B 221 -1.10 -10.83 -19.06
CA TYR B 221 -1.14 -10.98 -17.62
C TYR B 221 -2.61 -11.09 -17.19
N VAL B 222 -2.91 -11.92 -16.19
CA VAL B 222 -4.31 -12.05 -15.75
C VAL B 222 -4.57 -11.12 -14.58
N SER B 223 -5.59 -10.27 -14.71
CA SER B 223 -5.87 -9.34 -13.63
C SER B 223 -7.29 -8.82 -13.68
N GLY B 224 -7.52 -7.68 -13.04
CA GLY B 224 -8.83 -7.07 -12.99
C GLY B 224 -8.72 -5.56 -12.89
N PRO B 225 -9.86 -4.86 -12.83
CA PRO B 225 -9.89 -3.39 -12.74
C PRO B 225 -9.12 -2.78 -11.56
N TRP B 226 -8.74 -3.61 -10.60
CA TRP B 226 -7.98 -3.11 -9.45
C TRP B 226 -6.59 -2.66 -9.91
N ASP B 227 -6.20 -3.05 -11.12
CA ASP B 227 -4.89 -2.69 -11.67
C ASP B 227 -4.96 -1.60 -12.73
N THR B 228 -6.16 -1.19 -13.13
CA THR B 228 -6.30 -0.17 -14.17
C THR B 228 -5.45 1.07 -13.93
N ALA B 229 -5.57 1.65 -12.74
CA ALA B 229 -4.81 2.84 -12.41
C ALA B 229 -3.32 2.69 -12.62
N ASP B 230 -2.74 1.63 -12.07
CA ASP B 230 -1.31 1.39 -12.21
C ASP B 230 -0.87 1.13 -13.63
N ILE B 231 -1.70 0.42 -14.39
CA ILE B 231 -1.37 0.13 -15.79
C ILE B 231 -1.32 1.43 -16.58
N GLU B 232 -2.27 2.32 -16.34
CA GLU B 232 -2.31 3.59 -17.04
C GLU B 232 -1.14 4.49 -16.63
N LYS B 233 -0.76 4.42 -15.36
CA LYS B 233 0.35 5.22 -14.84
C LYS B 233 1.66 4.79 -15.53
N ALA B 234 1.77 3.50 -15.82
CA ALA B 234 2.95 2.96 -16.48
C ALA B 234 2.91 3.24 -17.98
N LYS B 235 1.83 3.89 -18.41
CA LYS B 235 1.63 4.25 -19.81
C LYS B 235 1.60 3.05 -20.77
N ILE B 236 0.97 1.97 -20.34
CA ILE B 236 0.84 0.77 -21.17
C ILE B 236 -0.43 0.88 -22.00
N ASP B 237 -0.29 0.78 -23.32
CA ASP B 237 -1.45 0.82 -24.22
C ASP B 237 -2.05 -0.57 -24.08
N PHE B 238 -2.85 -0.74 -23.04
CA PHE B 238 -3.44 -2.04 -22.73
C PHE B 238 -4.82 -2.29 -23.28
N GLY B 239 -5.13 -3.58 -23.39
CA GLY B 239 -6.42 -4.02 -23.85
C GLY B 239 -6.84 -5.08 -22.86
N VAL B 240 -8.10 -5.48 -22.91
CA VAL B 240 -8.61 -6.52 -22.02
C VAL B 240 -9.32 -7.53 -22.91
N THR B 241 -9.13 -8.81 -22.63
CA THR B 241 -9.75 -9.85 -23.42
C THR B 241 -10.05 -11.04 -22.50
N PRO B 242 -11.02 -11.88 -22.89
CA PRO B 242 -11.36 -13.04 -22.06
C PRO B 242 -10.22 -14.06 -22.05
N TRP B 243 -10.31 -14.99 -21.11
CA TRP B 243 -9.35 -16.10 -21.06
C TRP B 243 -9.55 -16.78 -22.40
N PRO B 244 -8.48 -17.34 -22.99
CA PRO B 244 -8.66 -18.02 -24.27
C PRO B 244 -9.32 -19.35 -23.98
N THR B 245 -9.83 -20.03 -25.01
CA THR B 245 -10.40 -21.34 -24.77
C THR B 245 -9.17 -22.17 -24.39
N LEU B 246 -9.38 -23.29 -23.70
CA LEU B 246 -8.30 -24.14 -23.23
C LEU B 246 -7.88 -25.25 -24.19
N PRO B 247 -6.82 -26.00 -23.83
CA PRO B 247 -6.37 -27.08 -24.71
C PRO B 247 -7.47 -28.09 -25.05
N ASN B 248 -8.44 -28.25 -24.15
CA ASN B 248 -9.54 -29.18 -24.39
C ASN B 248 -10.65 -28.54 -25.23
N GLY B 249 -10.39 -27.31 -25.67
CA GLY B 249 -11.35 -26.59 -26.49
C GLY B 249 -12.49 -25.93 -25.76
N LYS B 250 -12.54 -26.09 -24.45
CA LYS B 250 -13.62 -25.50 -23.66
C LYS B 250 -13.26 -24.13 -23.12
N HIS B 251 -14.27 -23.36 -22.74
CA HIS B 251 -14.07 -22.04 -22.19
C HIS B 251 -13.58 -22.10 -20.75
N ALA B 252 -12.68 -21.18 -20.39
CA ALA B 252 -12.18 -21.10 -19.03
C ALA B 252 -13.34 -20.57 -18.21
N THR B 253 -13.37 -20.92 -16.93
CA THR B 253 -14.46 -20.49 -16.05
C THR B 253 -13.97 -19.66 -14.87
N PRO B 254 -13.61 -18.40 -15.12
CA PRO B 254 -13.14 -17.55 -14.01
C PRO B 254 -14.28 -17.32 -13.02
N PHE B 255 -13.92 -17.00 -11.78
CA PHE B 255 -14.93 -16.74 -10.75
C PHE B 255 -15.64 -15.42 -11.01
N LEU B 256 -16.86 -15.33 -10.51
CA LEU B 256 -17.62 -14.10 -10.57
C LEU B 256 -17.52 -13.58 -9.15
N GLY B 257 -17.03 -12.36 -8.99
CA GLY B 257 -16.91 -11.79 -7.68
C GLY B 257 -17.79 -10.56 -7.57
N VAL B 258 -18.44 -10.40 -6.43
CA VAL B 258 -19.28 -9.24 -6.21
C VAL B 258 -18.63 -8.46 -5.07
N ILE B 259 -18.32 -7.19 -5.34
CA ILE B 259 -17.73 -6.34 -4.31
C ILE B 259 -18.93 -5.77 -3.58
N THR B 260 -18.88 -5.83 -2.25
CA THR B 260 -20.01 -5.41 -1.43
C THR B 260 -19.71 -4.33 -0.38
N ALA B 261 -20.77 -3.78 0.19
CA ALA B 261 -20.68 -2.79 1.25
C ALA B 261 -21.69 -3.25 2.29
N PHE B 262 -21.33 -3.13 3.56
CA PHE B 262 -22.26 -3.56 4.60
C PHE B 262 -22.09 -2.81 5.91
N VAL B 263 -22.96 -3.12 6.88
CA VAL B 263 -22.96 -2.47 8.17
C VAL B 263 -22.66 -3.43 9.31
N ASN B 264 -21.82 -2.98 10.23
CA ASN B 264 -21.43 -3.77 11.40
C ASN B 264 -22.65 -3.91 12.33
N LYS B 265 -22.95 -5.13 12.75
CA LYS B 265 -24.08 -5.36 13.63
C LYS B 265 -23.98 -4.58 14.94
N GLU B 266 -22.76 -4.27 15.37
CA GLU B 266 -22.56 -3.55 16.61
C GLU B 266 -22.59 -2.02 16.49
N SER B 267 -22.70 -1.51 15.27
CA SER B 267 -22.73 -0.06 15.11
C SER B 267 -23.93 0.54 15.82
N LYS B 268 -23.70 1.68 16.48
CA LYS B 268 -24.74 2.37 17.24
C LYS B 268 -25.70 3.21 16.39
N THR B 269 -25.31 3.52 15.16
CA THR B 269 -26.14 4.34 14.28
C THR B 269 -26.47 3.62 12.97
N GLN B 270 -27.20 2.53 13.07
CA GLN B 270 -27.58 1.70 11.93
C GLN B 270 -28.28 2.44 10.79
N ALA B 271 -29.26 3.28 11.13
CA ALA B 271 -30.00 4.01 10.10
C ALA B 271 -29.09 4.93 9.30
N ALA B 272 -28.24 5.66 10.01
CA ALA B 272 -27.30 6.57 9.36
C ALA B 272 -26.33 5.76 8.51
N ASP B 273 -25.86 4.64 9.06
CA ASP B 273 -24.92 3.76 8.35
C ASP B 273 -25.46 3.30 7.00
N TRP B 274 -26.69 2.80 6.99
CA TRP B 274 -27.27 2.34 5.73
C TRP B 274 -27.48 3.49 4.75
N SER B 275 -27.75 4.69 5.26
CA SER B 275 -27.92 5.85 4.37
C SER B 275 -26.58 6.12 3.69
N LEU B 276 -25.50 6.04 4.46
CA LEU B 276 -24.16 6.27 3.92
C LEU B 276 -23.84 5.18 2.89
N VAL B 277 -24.20 3.94 3.20
CA VAL B 277 -23.95 2.84 2.28
C VAL B 277 -24.71 3.10 0.98
N GLN B 278 -25.93 3.60 1.08
CA GLN B 278 -26.70 3.89 -0.13
C GLN B 278 -26.00 4.95 -0.97
N ALA B 279 -25.42 5.96 -0.32
CA ALA B 279 -24.72 7.00 -1.06
C ALA B 279 -23.47 6.45 -1.73
N LEU B 280 -22.78 5.54 -1.06
CA LEU B 280 -21.57 4.95 -1.59
C LEU B 280 -21.81 3.89 -2.65
N THR B 281 -23.06 3.46 -2.80
CA THR B 281 -23.38 2.41 -3.76
C THR B 281 -24.45 2.78 -4.78
N SER B 282 -24.78 4.07 -4.85
CA SER B 282 -25.80 4.55 -5.78
C SER B 282 -25.36 4.40 -7.24
N ALA B 283 -26.30 4.60 -8.16
CA ALA B 283 -25.99 4.52 -9.58
C ALA B 283 -24.93 5.58 -9.91
N GLN B 284 -25.06 6.76 -9.32
CA GLN B 284 -24.11 7.84 -9.57
C GLN B 284 -22.72 7.44 -9.06
N ALA B 285 -22.68 6.80 -7.91
CA ALA B 285 -21.41 6.37 -7.33
C ALA B 285 -20.76 5.31 -8.23
N GLN B 286 -21.56 4.35 -8.70
CA GLN B 286 -21.04 3.30 -9.56
C GLN B 286 -20.56 3.87 -10.90
N GLN B 287 -21.20 4.94 -11.36
CA GLN B 287 -20.78 5.57 -12.61
C GLN B 287 -19.39 6.16 -12.41
N MET B 288 -19.18 6.75 -11.24
CA MET B 288 -17.91 7.36 -10.89
C MET B 288 -16.82 6.30 -10.77
N TYR B 289 -17.12 5.23 -10.03
CA TYR B 289 -16.13 4.17 -9.85
C TYR B 289 -15.70 3.61 -11.19
N PHE B 290 -16.66 3.49 -12.12
CA PHE B 290 -16.33 2.97 -13.43
C PHE B 290 -15.43 3.93 -14.20
N ARG B 291 -15.81 5.20 -14.22
CA ARG B 291 -15.02 6.19 -14.95
C ARG B 291 -13.57 6.23 -14.51
N ASP B 292 -13.34 6.11 -13.21
CA ASP B 292 -11.99 6.19 -12.69
C ASP B 292 -11.18 4.90 -12.51
N SER B 293 -11.82 3.73 -12.61
CA SER B 293 -11.10 2.47 -12.43
C SER B 293 -11.55 1.37 -13.38
N GLN B 294 -12.64 1.63 -14.10
CA GLN B 294 -13.21 0.67 -15.03
C GLN B 294 -13.87 -0.51 -14.31
N GLN B 295 -14.18 -0.30 -13.03
CA GLN B 295 -14.85 -1.33 -12.23
C GLN B 295 -16.27 -1.46 -12.77
N ILE B 296 -16.68 -2.68 -13.13
CA ILE B 296 -18.01 -2.89 -13.69
C ILE B 296 -19.09 -2.71 -12.63
N PRO B 297 -20.09 -1.86 -12.91
CA PRO B 297 -21.18 -1.62 -11.96
C PRO B 297 -22.03 -2.85 -11.70
N ALA B 298 -22.53 -2.98 -10.47
CA ALA B 298 -23.41 -4.10 -10.13
C ALA B 298 -24.81 -3.81 -10.67
N LEU B 299 -25.19 -2.53 -10.70
CA LEU B 299 -26.51 -2.13 -11.18
C LEU B 299 -26.60 -2.31 -12.70
N LEU B 300 -27.61 -3.05 -13.14
CA LEU B 300 -27.79 -3.29 -14.57
C LEU B 300 -28.00 -2.00 -15.35
N SER B 301 -28.72 -1.03 -14.77
CA SER B 301 -28.96 0.22 -15.48
C SER B 301 -27.67 0.92 -15.83
N VAL B 302 -26.67 0.86 -14.94
CA VAL B 302 -25.40 1.52 -15.21
C VAL B 302 -24.60 0.69 -16.22
N GLN B 303 -24.77 -0.63 -16.18
CA GLN B 303 -24.08 -1.48 -17.14
C GLN B 303 -24.57 -1.14 -18.56
N ARG B 304 -25.82 -0.72 -18.67
CA ARG B 304 -26.41 -0.39 -19.95
C ARG B 304 -26.05 1.01 -20.47
N SER B 305 -25.33 1.78 -19.65
CA SER B 305 -24.93 3.12 -20.05
C SER B 305 -23.92 3.01 -21.19
N SER B 306 -23.87 4.02 -22.05
CA SER B 306 -22.96 4.00 -23.20
C SER B 306 -21.50 3.88 -22.79
N ALA B 307 -21.12 4.54 -21.70
CA ALA B 307 -19.74 4.50 -21.22
C ALA B 307 -19.30 3.07 -20.90
N VAL B 308 -20.17 2.32 -20.22
CA VAL B 308 -19.85 0.95 -19.87
C VAL B 308 -19.95 -0.02 -21.05
N GLN B 309 -21.05 0.08 -21.79
CA GLN B 309 -21.26 -0.80 -22.95
C GLN B 309 -20.13 -0.73 -23.96
N SER B 310 -19.51 0.44 -24.09
CA SER B 310 -18.45 0.64 -25.07
C SER B 310 -17.03 0.36 -24.58
N SER B 311 -16.88 0.01 -23.31
CA SER B 311 -15.55 -0.24 -22.76
C SER B 311 -14.99 -1.64 -22.97
N PRO B 312 -13.65 -1.73 -23.07
CA PRO B 312 -12.99 -3.02 -23.27
C PRO B 312 -13.21 -3.92 -22.05
N THR B 313 -13.19 -3.32 -20.86
CA THR B 313 -13.39 -4.08 -19.64
C THR B 313 -14.77 -4.73 -19.63
N PHE B 314 -15.80 -3.98 -20.00
CA PHE B 314 -17.13 -4.56 -20.02
C PHE B 314 -17.28 -5.60 -21.12
N LYS B 315 -16.62 -5.38 -22.25
CA LYS B 315 -16.70 -6.33 -23.35
C LYS B 315 -16.19 -7.69 -22.89
N ALA B 316 -15.04 -7.72 -22.23
CA ALA B 316 -14.50 -8.98 -21.74
C ALA B 316 -15.43 -9.61 -20.70
N PHE B 317 -15.97 -8.78 -19.82
CA PHE B 317 -16.87 -9.23 -18.76
C PHE B 317 -18.13 -9.88 -19.33
N VAL B 318 -18.80 -9.19 -20.24
CA VAL B 318 -20.03 -9.70 -20.82
C VAL B 318 -19.80 -10.96 -21.67
N GLU B 319 -18.60 -11.11 -22.22
CA GLU B 319 -18.30 -12.29 -23.04
C GLU B 319 -18.03 -13.50 -22.16
N GLN B 320 -17.52 -13.28 -20.95
CA GLN B 320 -17.20 -14.37 -20.03
C GLN B 320 -18.27 -14.65 -18.99
N LEU B 321 -19.19 -13.71 -18.80
CA LEU B 321 -20.19 -13.84 -17.75
C LEU B 321 -20.94 -15.18 -17.66
N ARG B 322 -21.43 -15.70 -18.78
CA ARG B 322 -22.16 -16.95 -18.72
C ARG B 322 -21.29 -18.15 -18.39
N TYR B 323 -19.98 -17.98 -18.41
CA TYR B 323 -19.05 -19.06 -18.08
C TYR B 323 -18.48 -18.87 -16.68
N ALA B 324 -18.69 -17.69 -16.12
CA ALA B 324 -18.18 -17.37 -14.79
C ALA B 324 -18.93 -18.13 -13.70
N VAL B 325 -18.21 -18.52 -12.67
CA VAL B 325 -18.78 -19.26 -11.55
C VAL B 325 -18.76 -18.38 -10.30
N PRO B 326 -19.94 -18.10 -9.70
CA PRO B 326 -19.93 -17.26 -8.51
C PRO B 326 -19.09 -17.90 -7.40
N MET B 327 -18.26 -17.11 -6.74
CA MET B 327 -17.46 -17.65 -5.65
C MET B 327 -18.41 -18.10 -4.54
N PRO B 328 -18.13 -19.26 -3.92
CA PRO B 328 -19.01 -19.69 -2.84
C PRO B 328 -18.82 -18.69 -1.69
N ASN B 329 -19.86 -18.46 -0.90
CA ASN B 329 -19.73 -17.53 0.21
C ASN B 329 -19.95 -18.21 1.56
N ILE B 330 -20.06 -19.53 1.54
CA ILE B 330 -20.24 -20.28 2.78
C ILE B 330 -18.90 -20.24 3.52
N PRO B 331 -18.94 -20.33 4.85
CA PRO B 331 -17.72 -20.30 5.68
C PRO B 331 -16.63 -21.26 5.24
N GLN B 332 -17.02 -22.42 4.75
CA GLN B 332 -16.05 -23.41 4.30
C GLN B 332 -15.15 -22.93 3.18
N MET B 333 -15.55 -21.86 2.48
CA MET B 333 -14.72 -21.36 1.40
C MET B 333 -13.38 -20.84 1.92
N GLN B 334 -13.34 -20.41 3.18
CA GLN B 334 -12.10 -19.91 3.74
C GLN B 334 -11.13 -21.08 3.97
N ALA B 335 -11.67 -22.29 4.15
CA ALA B 335 -10.84 -23.47 4.34
C ALA B 335 -10.16 -23.76 3.01
N VAL B 336 -10.85 -23.43 1.93
CA VAL B 336 -10.33 -23.65 0.58
C VAL B 336 -9.16 -22.70 0.32
N TRP B 337 -9.36 -21.41 0.59
CA TRP B 337 -8.31 -20.42 0.37
C TRP B 337 -7.08 -20.71 1.22
N GLN B 338 -7.31 -21.19 2.44
CA GLN B 338 -6.20 -21.48 3.35
C GLN B 338 -5.45 -22.76 3.03
N ALA B 339 -6.06 -23.62 2.22
CA ALA B 339 -5.42 -24.89 1.86
C ALA B 339 -4.81 -24.86 0.46
N MET B 340 -5.09 -23.82 -0.32
CA MET B 340 -4.59 -23.73 -1.69
C MET B 340 -3.09 -23.55 -1.83
N SER B 341 -2.38 -23.34 -0.72
CA SER B 341 -0.94 -23.16 -0.79
C SER B 341 -0.27 -24.38 -1.42
N ILE B 342 -0.98 -25.50 -1.39
CA ILE B 342 -0.46 -26.75 -1.96
C ILE B 342 -0.31 -26.66 -3.48
N LEU B 343 -1.08 -25.76 -4.09
CA LEU B 343 -1.00 -25.59 -5.54
C LEU B 343 0.42 -25.17 -5.93
N GLN B 344 1.08 -24.45 -5.02
CA GLN B 344 2.44 -23.99 -5.25
C GLN B 344 3.37 -25.19 -5.38
N ASN B 345 3.15 -26.20 -4.54
CA ASN B 345 3.97 -27.40 -4.57
C ASN B 345 3.78 -28.19 -5.85
N ILE B 346 2.55 -28.19 -6.37
CA ILE B 346 2.26 -28.89 -7.61
C ILE B 346 2.95 -28.20 -8.77
N ILE B 347 2.82 -26.88 -8.84
CA ILE B 347 3.42 -26.11 -9.92
C ILE B 347 4.95 -26.11 -9.84
N ALA B 348 5.49 -26.37 -8.65
CA ALA B 348 6.92 -26.41 -8.44
C ALA B 348 7.47 -27.81 -8.72
N GLY B 349 6.56 -28.77 -8.88
CA GLY B 349 6.97 -30.14 -9.17
C GLY B 349 7.39 -30.93 -7.94
N LYS B 350 7.18 -30.37 -6.76
CA LYS B 350 7.55 -31.05 -5.51
C LYS B 350 6.59 -32.19 -5.18
N VAL B 351 5.40 -32.13 -5.76
CA VAL B 351 4.39 -33.15 -5.54
C VAL B 351 3.63 -33.33 -6.83
N SER B 352 3.20 -34.55 -7.12
CA SER B 352 2.47 -34.84 -8.36
C SER B 352 1.10 -34.18 -8.34
N PRO B 353 0.54 -33.92 -9.53
CA PRO B 353 -0.79 -33.31 -9.62
C PRO B 353 -1.84 -34.18 -8.93
N GLU B 354 -1.72 -35.49 -9.09
CA GLU B 354 -2.64 -36.44 -8.49
C GLU B 354 -2.61 -36.39 -6.96
N GLN B 355 -1.42 -36.49 -6.39
CA GLN B 355 -1.26 -36.48 -4.95
C GLN B 355 -1.54 -35.11 -4.33
N GLY B 356 -1.14 -34.05 -5.04
CA GLY B 356 -1.37 -32.71 -4.55
C GLY B 356 -2.85 -32.43 -4.47
N ALA B 357 -3.59 -32.90 -5.48
CA ALA B 357 -5.04 -32.73 -5.54
C ALA B 357 -5.73 -33.42 -4.36
N LYS B 358 -5.32 -34.66 -4.09
CA LYS B 358 -5.90 -35.41 -2.99
C LYS B 358 -5.67 -34.72 -1.65
N ASP B 359 -4.43 -34.29 -1.41
CA ASP B 359 -4.09 -33.63 -0.16
C ASP B 359 -4.79 -32.27 -0.01
N PHE B 360 -4.99 -31.59 -1.15
CA PHE B 360 -5.68 -30.30 -1.17
C PHE B 360 -7.10 -30.49 -0.66
N VAL B 361 -7.79 -31.48 -1.22
CA VAL B 361 -9.16 -31.76 -0.79
C VAL B 361 -9.24 -32.26 0.65
N GLN B 362 -8.34 -33.14 1.04
CA GLN B 362 -8.35 -33.64 2.42
C GLN B 362 -8.11 -32.51 3.41
N ASN B 363 -7.21 -31.58 3.07
CA ASN B 363 -6.93 -30.47 3.97
C ASN B 363 -8.16 -29.55 4.08
N ILE B 364 -8.88 -29.39 2.98
CA ILE B 364 -10.09 -28.55 2.99
C ILE B 364 -11.11 -29.20 3.91
N GLN B 365 -11.25 -30.52 3.80
CA GLN B 365 -12.21 -31.27 4.59
C GLN B 365 -11.94 -31.26 6.09
N LYS B 366 -10.74 -30.85 6.49
CA LYS B 366 -10.41 -30.78 7.91
C LYS B 366 -11.20 -29.63 8.53
N GLY B 367 -11.59 -28.68 7.70
CA GLY B 367 -12.36 -27.54 8.16
C GLY B 367 -11.53 -26.55 8.96
N ILE B 368 -12.20 -25.61 9.61
CA ILE B 368 -11.52 -24.61 10.41
C ILE B 368 -12.11 -24.60 11.82
N MET B 369 -11.23 -24.54 12.81
CA MET B 369 -11.62 -24.53 14.21
C MET B 369 -12.66 -23.44 14.48
N ALA B 370 -13.78 -23.82 15.07
CA ALA B 370 -14.85 -22.89 15.40
C ALA B 370 -14.58 -22.23 16.75
C1 GLC C . 6.27 8.78 0.74
C2 GLC C . 7.68 9.32 0.73
C3 GLC C . 8.47 8.80 1.92
C4 GLC C . 7.72 9.27 3.20
C5 GLC C . 6.28 8.63 3.19
C6 GLC C . 5.38 9.00 4.35
O1 GLC C . 6.25 7.37 0.56
O2 GLC C . 8.25 8.99 -0.53
O3 GLC C . 9.80 9.35 1.87
O4 GLC C . 8.46 8.73 4.28
O5 GLC C . 5.61 9.03 1.98
O6 GLC C . 4.52 7.89 4.67
C1 GLC C . 8.79 9.87 5.35
C2 GLC C . 10.32 10.01 5.55
C3 GLC C . 10.87 8.65 6.04
C4 GLC C . 10.19 8.27 7.34
C5 GLC C . 8.64 8.17 7.13
C6 GLC C . 7.94 7.82 8.46
O2 GLC C . 10.94 10.37 4.32
O3 GLC C . 12.30 8.76 6.28
O4 GLC C . 10.70 6.98 7.74
O5 GLC C . 8.16 9.47 6.65
O6 GLC C . 6.59 7.42 8.32
C1 GLC C . 11.46 6.80 8.89
C2 GLC C . 12.64 5.87 8.49
C3 GLC C . 12.11 4.47 8.04
C4 GLC C . 11.29 3.86 9.19
C5 GLC C . 10.13 4.82 9.55
C6 GLC C . 9.29 4.31 10.72
O2 GLC C . 13.40 6.49 7.48
O3 GLC C . 13.19 3.63 7.68
O4 GLC C . 10.78 2.58 8.82
O5 GLC C . 10.65 6.15 9.92
O6 GLC C . 8.09 5.08 10.82
C1 GLC D . -6.87 -4.54 -4.34
C2 GLC D . -8.35 -4.67 -4.62
C3 GLC D . -8.84 -6.05 -4.29
C4 GLC D . -8.05 -7.03 -5.20
C5 GLC D . -6.52 -6.92 -4.82
C6 GLC D . -5.58 -7.79 -5.64
O1 GLC D . -6.59 -4.69 -2.96
O2 GLC D . -9.00 -3.65 -3.88
O3 GLC D . -10.26 -6.12 -4.59
O4 GLC D . -8.51 -8.31 -4.85
O5 GLC D . -6.12 -5.56 -5.01
O6 GLC D . -4.51 -8.26 -4.77
C1 GLC D . -8.98 -9.12 -6.16
C2 GLC D . -10.48 -9.54 -6.05
C3 GLC D . -10.64 -10.43 -4.80
C4 GLC D . -9.74 -11.64 -4.92
C5 GLC D . -8.25 -11.20 -5.06
C6 GLC D . -7.35 -12.43 -5.21
O2 GLC D . -11.31 -8.39 -5.93
O3 GLC D . -12.02 -10.86 -4.71
O4 GLC D . -9.90 -12.42 -3.71
O5 GLC D . -8.14 -10.35 -6.25
O6 GLC D . -5.98 -12.13 -4.98
C1 GLC D . -10.47 -13.69 -3.68
C2 GLC D . -11.46 -13.72 -2.47
C3 GLC D . -10.67 -13.47 -1.14
C4 GLC D . -9.60 -14.58 -1.00
C5 GLC D . -8.65 -14.53 -2.24
C6 GLC D . -7.59 -15.63 -2.20
O2 GLC D . -12.46 -12.73 -2.66
O3 GLC D . -11.55 -13.50 -0.02
O4 GLC D . -8.86 -14.40 0.21
O5 GLC D . -9.43 -14.70 -3.48
O6 GLC D . -6.59 -15.37 -3.18
#